data_5K1C
#
_entry.id   5K1C
#
_cell.length_a   217.903
_cell.length_b   217.903
_cell.length_c   223.819
_cell.angle_alpha   90.00
_cell.angle_beta   90.00
_cell.angle_gamma   120.00
#
_symmetry.space_group_name_H-M   'P 61 2 2'
#
loop_
_entity.id
_entity.type
_entity.pdbx_description
1 polymer 'Ubiquitin carboxyl-terminal hydrolase 12'
2 polymer 'WD repeat-containing protein 48'
3 polymer 'WD repeat-containing protein 20'
4 non-polymer 'ZINC ION'
5 non-polymer 'PHOSPHATE ION'
6 non-polymer TRIS(HYDROXYETHYL)AMINOMETHANE
7 water water
#
loop_
_entity_poly.entity_id
_entity_poly.type
_entity_poly.pdbx_seq_one_letter_code
_entity_poly.pdbx_strand_id
1 'polypeptide(L)'
;MGANASALEKEIGPEQFPVNEHYFGLVNFGNTCYCNSVLQALYFCRPFREKVLAYKSQPRKKESLLTCLADLFHSIATQK
KKVGVIPPKKFITRLRKENELFDNYMQQDAHEFLNYLLNTIADILQEERKQEKQNGRLPNGNIDNENNNSTPDPTWVHEI
FQGTLTNETRCLTCETISSKDEDFLDLSVDVEQNTSITHCLRGFSNTETLCSEYKYYCEECRSKQEAHKRMKVKKLPMIL
ALHLKRFKYMDQLHRYTKLSYRVVFPLELRLFNTSGDATNPDRMYDLVAVVVHCGSGPNRGHYIAIVKSHDFWLLFDDDI
VEKIDAQAIEEFYGLTSDISKNSESGYILFYQSRD
;
A
2 'polypeptide(L)'
;MAAHHRQNTAGRRKVQVSYVIRDEVEKYNRNGVNALQLDPALNRLFTAGRDSIIRIWSVNQHKQDPYIASMEHHTDWVND
IVLCCNGKTLISASSDTTVKVWNAHKGFCMSTLRTHKDYVKALAYAKDKELVASAGLDRQIFLWDVNTLTALTASNNTVT
TSSLSGNKDSIYSLAMNQLGTIIVSGSTEKVLRVWDPRTCAKLMKLKGHTDNVKALLLNRDGTQCLSGSSDGTIRLWSLG
QQRCIATYRVHDEGVWALQVNDAFTHVYSGGRDRKIYCTDLRNPDIRVLICEEKAPVLKMELDRSADPPPAIWVATTKST
VNKWTLKGIHNFRASGDYDNDCTNPITPLCTQPDQVIKGGASIIQCHILNDKRHILTKDTNNNVAYWDVLKACKVEDLGK
VDFEDEIKKRFKMVYVPNWFSVDLKTGMLTITLDESDCFAAWVSAKDAGFSSPDGSDPKLNLGGLLLQALLEYWPRTHVN
PMDEEENEVNHVNGEQENRVQKGNGYFQVPPHTPVIFGEAGGRTLFRLLCRDSGGETESMLLNETVPQWVIDITVDKNMP
KFN
;
B
3 'polypeptide(L)'
;MATEGGGKEMNEIKTQFTTREGLYKLLPHSEYSRPNRVPFNSQGSNPVRVSFVNLNDQSGNGDRLCFNVGRELYFYIYKG
VRKAADLSKPIDKRIYKGTQPTCHDFNHLTATAESVSLLVGFSAGQVQLIDPIKKETSKLFNEERLIDKSRVTCVKWVPG
SESLFLVAHSSGNMYLYNVEHTCGTTAPHYQLLKQGESFAVHTCKSKSTRNPLLKWTVGEGALNEFAFSPDGKFLACVSQ
DGFLRVFNFDSVELHGTMKSYFGGLLCVCWSPDGKYIVTGGEDDLVTVWSFVDCRVIARGHGHKSWVSVVAFDPYTTSVE
EGDPMEFSGSDEDFQDLLHFGRDRANSTQSRLSKRNSTDSRPVSVTYRFGSVGQDTQLCLWDLTEDILFPHQPLSRARTH
TNVMNATSPPAGSNGNSVTTPGNSVPPPLPRSNSLPHSAVSNAGSKSSVMDGAIASGVSKFATLSLHDRKERHHEKDHKR
NHSMGHISSKSSDKLNLVTKTKTDPAKTLGTPLCPRMEDVPLLEPLICKKIAHERLTVLIFLEDCIVTACQEGFICTWGR
PGKVVSFNP
;
C
#
# COMPACT_ATOMS: atom_id res chain seq x y z
N HIS A 22 -9.47 -39.06 -31.58
CA HIS A 22 -8.68 -38.35 -32.66
C HIS A 22 -7.64 -37.35 -32.12
N TYR A 23 -7.00 -37.67 -30.98
CA TYR A 23 -6.27 -36.71 -30.14
C TYR A 23 -4.77 -37.06 -29.98
N PHE A 24 -4.09 -36.29 -29.12
CA PHE A 24 -2.63 -36.36 -28.92
C PHE A 24 -2.35 -37.12 -27.59
N GLY A 25 -1.38 -36.67 -26.78
CA GLY A 25 -1.16 -37.22 -25.43
C GLY A 25 0.30 -37.55 -25.20
N LEU A 26 0.65 -37.85 -23.95
CA LEU A 26 1.97 -38.41 -23.60
C LEU A 26 1.75 -39.62 -22.69
N VAL A 27 2.81 -40.10 -22.03
CA VAL A 27 2.84 -41.40 -21.39
C VAL A 27 3.56 -41.24 -20.09
N ASN A 28 3.05 -41.91 -19.08
CA ASN A 28 3.54 -41.78 -17.74
C ASN A 28 4.33 -43.05 -17.36
N PHE A 29 5.65 -43.01 -17.57
CA PHE A 29 6.57 -44.07 -17.12
C PHE A 29 6.53 -44.37 -15.60
N GLY A 30 6.84 -43.39 -14.75
CA GLY A 30 6.72 -43.56 -13.29
C GLY A 30 5.92 -42.43 -12.66
N ASN A 31 6.60 -41.28 -12.67
CA ASN A 31 6.17 -39.98 -12.16
C ASN A 31 6.72 -39.01 -13.21
N THR A 32 6.35 -39.25 -14.47
CA THR A 32 6.75 -38.37 -15.58
C THR A 32 5.73 -37.25 -15.75
N CYS A 33 4.65 -37.26 -14.97
CA CYS A 33 3.58 -36.27 -15.15
C CYS A 33 4.11 -34.83 -15.05
N TYR A 34 5.11 -34.62 -14.19
CA TYR A 34 5.88 -33.36 -14.19
C TYR A 34 6.41 -33.00 -15.60
N CYS A 35 7.04 -33.94 -16.29
CA CYS A 35 7.45 -33.71 -17.68
C CYS A 35 6.24 -33.55 -18.56
N ASN A 36 5.28 -34.46 -18.41
CA ASN A 36 4.09 -34.52 -19.26
C ASN A 36 3.45 -33.13 -19.34
N SER A 37 3.02 -32.65 -18.17
CA SER A 37 2.19 -31.44 -18.03
C SER A 37 2.88 -30.19 -18.55
N VAL A 38 4.08 -29.96 -18.05
CA VAL A 38 4.91 -28.83 -18.48
C VAL A 38 5.15 -28.84 -20.00
N LEU A 39 5.41 -30.03 -20.54
CA LEU A 39 5.71 -30.18 -21.97
C LEU A 39 4.50 -29.79 -22.82
N GLN A 40 3.33 -30.32 -22.46
CA GLN A 40 2.09 -29.96 -23.17
C GLN A 40 1.87 -28.46 -23.09
N ALA A 41 1.89 -27.93 -21.86
CA ALA A 41 1.80 -26.48 -21.63
C ALA A 41 2.73 -25.65 -22.52
N LEU A 42 3.98 -26.06 -22.60
CA LEU A 42 4.97 -25.40 -23.46
C LEU A 42 4.65 -25.47 -24.94
N TYR A 43 4.17 -26.64 -25.37
CA TYR A 43 3.80 -26.85 -26.78
C TYR A 43 2.63 -25.96 -27.20
N PHE A 44 1.75 -25.61 -26.28
CA PHE A 44 0.61 -24.73 -26.59
C PHE A 44 0.88 -23.23 -26.46
N CYS A 45 2.13 -22.86 -26.19
CA CYS A 45 2.56 -21.47 -26.27
C CYS A 45 2.95 -21.16 -27.71
N ARG A 46 2.04 -20.50 -28.42
CA ARG A 46 2.09 -20.34 -29.88
C ARG A 46 3.43 -19.83 -30.47
N PRO A 47 4.12 -18.87 -29.80
CA PRO A 47 5.45 -18.43 -30.27
C PRO A 47 6.62 -19.35 -29.87
N PHE A 48 6.40 -20.23 -28.90
CA PHE A 48 7.39 -21.24 -28.53
C PHE A 48 7.36 -22.41 -29.50
N ARG A 49 6.17 -22.96 -29.74
CA ARG A 49 5.93 -24.04 -30.71
C ARG A 49 6.51 -23.74 -32.11
N GLU A 50 6.46 -22.48 -32.56
CA GLU A 50 7.05 -22.06 -33.83
C GLU A 50 8.57 -22.20 -33.80
N LYS A 51 9.20 -21.50 -32.85
CA LYS A 51 10.66 -21.51 -32.71
C LYS A 51 11.25 -22.79 -32.08
N VAL A 52 10.44 -23.67 -31.49
CA VAL A 52 10.98 -24.96 -30.95
C VAL A 52 11.32 -25.94 -32.06
N LEU A 53 10.60 -25.90 -33.18
CA LEU A 53 10.83 -26.84 -34.29
C LEU A 53 11.56 -26.24 -35.50
N ALA A 54 11.58 -24.91 -35.63
CA ALA A 54 12.39 -24.22 -36.67
C ALA A 54 13.83 -24.76 -36.71
N TYR A 55 14.43 -24.89 -35.53
CA TYR A 55 15.62 -25.71 -35.32
C TYR A 55 15.46 -26.50 -34.03
N SER A 64 21.94 -32.88 -27.40
CA SER A 64 21.54 -32.06 -26.25
C SER A 64 20.06 -32.25 -25.91
N LEU A 65 19.57 -31.53 -24.89
CA LEU A 65 18.17 -31.60 -24.46
C LEU A 65 17.21 -30.85 -25.40
N LEU A 66 17.70 -29.85 -26.11
CA LEU A 66 16.97 -29.25 -27.25
C LEU A 66 16.74 -30.30 -28.37
N THR A 67 17.76 -31.13 -28.64
CA THR A 67 17.69 -32.20 -29.67
C THR A 67 16.56 -33.24 -29.47
N CYS A 68 16.21 -33.54 -28.21
CA CYS A 68 15.07 -34.41 -27.89
C CYS A 68 13.75 -33.63 -27.83
N LEU A 69 13.81 -32.36 -27.41
CA LEU A 69 12.66 -31.44 -27.42
C LEU A 69 12.18 -31.11 -28.84
N ALA A 70 13.14 -30.96 -29.75
CA ALA A 70 12.86 -30.82 -31.19
C ALA A 70 12.43 -32.15 -31.81
N ASP A 71 13.02 -33.26 -31.37
CA ASP A 71 12.63 -34.61 -31.80
C ASP A 71 11.20 -34.98 -31.40
N LEU A 72 10.71 -34.47 -30.27
CA LEU A 72 9.33 -34.72 -29.79
C LEU A 72 8.30 -33.67 -30.26
N PHE A 73 8.73 -32.40 -30.39
CA PHE A 73 7.86 -31.32 -30.91
C PHE A 73 7.64 -31.42 -32.42
N HIS A 74 8.61 -32.02 -33.12
CA HIS A 74 8.46 -32.43 -34.52
C HIS A 74 7.51 -33.65 -34.63
N SER A 75 7.71 -34.63 -33.75
CA SER A 75 6.91 -35.87 -33.70
C SER A 75 5.40 -35.71 -33.41
N ILE A 76 5.01 -34.58 -32.82
CA ILE A 76 3.59 -34.28 -32.53
C ILE A 76 2.93 -33.49 -33.67
N ALA A 77 3.68 -32.56 -34.28
CA ALA A 77 3.21 -31.82 -35.46
C ALA A 77 3.05 -32.71 -36.70
N THR A 78 3.81 -33.82 -36.76
CA THR A 78 3.73 -34.77 -37.88
C THR A 78 2.39 -35.54 -37.89
N GLN A 79 1.98 -36.07 -36.74
CA GLN A 79 0.73 -36.85 -36.64
C GLN A 79 -0.51 -36.00 -36.89
N VAL A 85 -0.76 -40.74 -28.46
CA VAL A 85 -0.03 -41.23 -27.28
C VAL A 85 1.43 -41.54 -27.65
N ILE A 86 2.29 -40.52 -27.65
CA ILE A 86 3.73 -40.68 -27.90
C ILE A 86 4.48 -40.89 -26.57
N PRO A 87 5.21 -41.94 -26.31
CA PRO A 87 6.16 -42.13 -25.21
C PRO A 87 7.41 -41.18 -25.47
N PRO A 88 7.64 -40.22 -24.49
CA PRO A 88 8.79 -39.34 -24.73
C PRO A 88 10.02 -39.94 -24.00
N LYS A 89 10.31 -41.15 -24.46
CA LYS A 89 11.54 -41.78 -23.96
C LYS A 89 12.88 -41.06 -23.94
N LYS A 90 13.09 -40.55 -25.23
CA LYS A 90 14.37 -39.89 -25.51
C LYS A 90 14.65 -38.75 -24.60
N PHE A 91 13.38 -38.25 -24.25
CA PHE A 91 13.53 -37.17 -23.28
C PHE A 91 13.95 -37.64 -21.88
N ILE A 92 13.09 -38.74 -21.36
CA ILE A 92 13.15 -39.05 -19.92
C ILE A 92 14.55 -39.46 -19.46
N THR A 93 15.07 -40.63 -19.90
CA THR A 93 16.43 -41.09 -19.50
C THR A 93 17.54 -40.13 -19.99
N ARG A 94 17.31 -39.44 -21.11
CA ARG A 94 18.20 -38.36 -21.60
C ARG A 94 18.32 -37.20 -20.60
N LEU A 95 17.16 -36.79 -20.06
CA LEU A 95 17.08 -35.83 -18.95
C LEU A 95 17.64 -36.43 -17.64
N ARG A 96 17.29 -37.68 -17.35
CA ARG A 96 17.73 -38.38 -16.14
C ARG A 96 19.24 -38.73 -16.10
N LYS A 97 19.95 -38.55 -17.22
CA LYS A 97 21.42 -38.63 -17.24
C LYS A 97 22.03 -37.26 -16.87
N GLU A 98 21.95 -36.27 -17.79
CA GLU A 98 22.66 -34.98 -17.62
C GLU A 98 22.01 -34.01 -16.62
N ASN A 99 20.93 -34.43 -15.96
CA ASN A 99 20.56 -33.81 -14.70
C ASN A 99 20.28 -34.90 -13.68
N GLU A 100 21.23 -35.05 -12.76
CA GLU A 100 21.22 -36.10 -11.76
C GLU A 100 20.13 -35.90 -10.69
N LEU A 101 19.73 -34.65 -10.45
CA LEU A 101 18.64 -34.35 -9.50
C LEU A 101 17.31 -34.98 -9.92
N PHE A 102 17.07 -35.07 -11.24
CA PHE A 102 15.87 -35.74 -11.78
C PHE A 102 15.93 -37.27 -11.79
N ASP A 103 17.13 -37.86 -11.75
CA ASP A 103 17.34 -39.32 -11.98
C ASP A 103 16.59 -40.33 -11.05
N ASN A 104 15.79 -39.84 -10.09
CA ASN A 104 15.43 -40.66 -8.92
C ASN A 104 14.32 -41.74 -9.00
N TYR A 105 13.29 -41.55 -9.84
CA TYR A 105 12.03 -42.33 -9.81
C TYR A 105 11.02 -41.81 -8.76
N MET A 106 11.49 -41.07 -7.74
CA MET A 106 10.63 -40.30 -6.82
C MET A 106 9.99 -39.14 -7.60
N GLN A 107 8.99 -38.48 -6.99
CA GLN A 107 8.29 -37.35 -7.66
C GLN A 107 9.21 -36.15 -7.86
N GLN A 108 8.69 -35.21 -8.64
CA GLN A 108 9.46 -34.14 -9.20
C GLN A 108 8.57 -32.89 -9.25
N ASP A 109 9.14 -31.80 -8.73
CA ASP A 109 8.46 -30.51 -8.70
C ASP A 109 8.48 -29.87 -10.09
N ALA A 110 7.30 -29.70 -10.69
CA ALA A 110 7.17 -29.29 -12.10
C ALA A 110 7.75 -27.92 -12.44
N HIS A 111 7.88 -27.07 -11.41
CA HIS A 111 8.55 -25.79 -11.54
C HIS A 111 10.06 -25.96 -11.70
N GLU A 112 10.66 -26.91 -10.96
CA GLU A 112 12.11 -27.21 -11.07
C GLU A 112 12.45 -27.55 -12.52
N PHE A 113 11.62 -28.41 -13.12
CA PHE A 113 11.75 -28.82 -14.51
C PHE A 113 11.61 -27.63 -15.45
N LEU A 114 10.53 -26.90 -15.29
CA LEU A 114 10.27 -25.74 -16.14
C LEU A 114 11.43 -24.76 -16.08
N ASN A 115 11.85 -24.40 -14.87
CA ASN A 115 12.98 -23.48 -14.67
C ASN A 115 14.25 -24.01 -15.31
N TYR A 116 14.52 -25.31 -15.12
CA TYR A 116 15.68 -25.95 -15.73
C TYR A 116 15.55 -25.97 -17.26
N LEU A 117 14.61 -26.77 -17.76
CA LEU A 117 14.40 -26.94 -19.20
C LEU A 117 14.62 -25.62 -19.97
N LEU A 118 13.96 -24.55 -19.53
CA LEU A 118 13.94 -23.30 -20.29
C LEU A 118 15.30 -22.62 -20.50
N ASN A 119 16.15 -22.57 -19.47
CA ASN A 119 17.49 -21.95 -19.62
C ASN A 119 18.66 -22.95 -19.80
N THR A 120 18.34 -24.24 -19.81
CA THR A 120 19.21 -25.23 -20.44
C THR A 120 19.28 -24.94 -21.94
N ILE A 121 18.13 -24.55 -22.51
CA ILE A 121 18.01 -24.22 -23.92
C ILE A 121 18.73 -22.92 -24.23
N ALA A 122 18.59 -21.94 -23.34
CA ALA A 122 19.07 -20.58 -23.60
C ALA A 122 20.59 -20.44 -23.62
N ASP A 123 21.29 -21.23 -22.79
CA ASP A 123 22.76 -21.28 -22.83
C ASP A 123 23.32 -22.28 -23.86
N ILE A 124 22.44 -23.00 -24.57
CA ILE A 124 22.77 -23.72 -25.82
C ILE A 124 22.64 -22.76 -27.03
N LEU A 125 21.54 -22.01 -27.07
CA LEU A 125 21.35 -20.91 -28.04
C LEU A 125 22.36 -19.75 -27.85
N GLN A 126 22.94 -19.65 -26.64
CA GLN A 126 24.12 -18.79 -26.37
C GLN A 126 25.41 -19.39 -26.93
N GLU A 127 25.55 -20.71 -26.80
CA GLU A 127 26.75 -21.45 -27.28
C GLU A 127 26.84 -21.47 -28.80
N GLU A 128 25.73 -21.82 -29.45
CA GLU A 128 25.65 -21.78 -30.92
C GLU A 128 25.81 -20.35 -31.50
N ARG A 129 25.59 -19.33 -30.68
CA ARG A 129 25.96 -17.93 -31.00
C ARG A 129 27.47 -17.63 -30.78
N LYS A 130 28.09 -18.28 -29.79
CA LYS A 130 29.53 -18.10 -29.47
C LYS A 130 30.47 -18.85 -30.44
N GLN A 131 29.97 -19.89 -31.11
CA GLN A 131 30.72 -20.48 -32.24
C GLN A 131 30.80 -19.49 -33.42
N GLU A 132 29.65 -18.86 -33.76
CA GLU A 132 29.56 -17.83 -34.79
C GLU A 132 29.66 -16.43 -34.17
N PRO A 152 27.27 -11.80 -24.52
CA PRO A 152 26.14 -11.49 -23.63
C PRO A 152 24.95 -10.87 -24.40
N ASP A 153 24.35 -11.67 -25.30
CA ASP A 153 23.42 -11.20 -26.33
C ASP A 153 22.07 -11.96 -26.22
N PRO A 154 20.91 -11.27 -26.43
CA PRO A 154 19.64 -11.87 -26.05
C PRO A 154 19.23 -13.00 -26.99
N THR A 155 19.02 -14.19 -26.43
CA THR A 155 18.68 -15.37 -27.23
C THR A 155 17.17 -15.40 -27.53
N TRP A 156 16.75 -16.32 -28.39
CA TRP A 156 15.32 -16.44 -28.78
C TRP A 156 14.40 -16.99 -27.66
N VAL A 157 14.97 -17.58 -26.61
CA VAL A 157 14.20 -17.95 -25.40
C VAL A 157 13.96 -16.72 -24.52
N HIS A 158 14.94 -15.83 -24.51
CA HIS A 158 14.82 -14.54 -23.82
C HIS A 158 13.88 -13.56 -24.54
N GLU A 159 13.71 -13.69 -25.85
CA GLU A 159 12.72 -12.86 -26.56
C GLU A 159 11.28 -13.18 -26.13
N ILE A 160 11.05 -14.36 -25.54
CA ILE A 160 9.71 -14.87 -25.26
C ILE A 160 9.41 -14.87 -23.76
N PHE A 161 10.13 -15.68 -22.97
CA PHE A 161 9.81 -15.86 -21.55
C PHE A 161 10.48 -14.85 -20.63
N GLN A 162 11.38 -14.04 -21.17
CA GLN A 162 12.21 -13.10 -20.41
C GLN A 162 11.43 -11.87 -20.05
N GLY A 163 11.56 -11.46 -18.80
CA GLY A 163 11.18 -10.12 -18.36
C GLY A 163 12.16 -9.62 -17.30
N THR A 164 12.03 -8.33 -16.95
CA THR A 164 12.86 -7.70 -15.92
C THR A 164 12.00 -7.08 -14.81
N LEU A 165 12.54 -7.03 -13.60
CA LEU A 165 11.92 -6.29 -12.50
C LEU A 165 12.96 -5.50 -11.68
N THR A 166 12.59 -4.29 -11.24
CA THR A 166 13.47 -3.40 -10.44
C THR A 166 13.30 -3.61 -8.94
N ASN A 167 14.43 -3.52 -8.21
CA ASN A 167 14.45 -3.42 -6.75
C ASN A 167 14.72 -1.98 -6.38
N GLU A 168 13.64 -1.27 -6.08
CA GLU A 168 13.69 0.15 -5.76
C GLU A 168 13.98 0.28 -4.26
N THR A 169 14.80 1.28 -3.90
CA THR A 169 15.04 1.66 -2.51
C THR A 169 14.85 3.18 -2.43
N ARG A 170 14.23 3.67 -1.36
CA ARG A 170 13.87 5.09 -1.25
C ARG A 170 14.10 5.71 0.15
N CYS A 171 14.96 6.76 0.26
CA CYS A 171 15.08 7.67 1.51
C CYS A 171 13.62 8.09 1.62
N LEU A 172 12.95 7.83 2.74
CA LEU A 172 11.69 8.51 2.99
C LEU A 172 11.91 10.01 3.30
N THR A 173 13.17 10.44 3.44
CA THR A 173 13.57 11.84 3.69
C THR A 173 14.11 12.56 2.39
N CYS A 174 15.30 12.17 1.87
CA CYS A 174 15.77 12.45 0.48
C CYS A 174 14.53 12.45 -0.48
N GLU A 175 13.70 11.40 -0.39
CA GLU A 175 12.76 10.94 -1.44
C GLU A 175 13.39 10.64 -2.79
N THR A 176 14.67 10.33 -2.70
CA THR A 176 15.53 9.99 -3.80
C THR A 176 15.39 8.46 -3.92
N ILE A 177 15.64 7.90 -5.09
CA ILE A 177 15.26 6.50 -5.35
C ILE A 177 16.22 5.73 -6.26
N SER A 178 16.71 4.59 -5.78
CA SER A 178 17.80 3.82 -6.40
C SER A 178 17.35 2.39 -6.83
N SER A 179 17.58 2.07 -8.11
CA SER A 179 17.17 0.80 -8.75
C SER A 179 18.28 -0.24 -8.86
N LYS A 180 17.94 -1.52 -8.74
CA LYS A 180 18.83 -2.67 -9.07
C LYS A 180 17.97 -3.74 -9.76
N ASP A 181 18.11 -3.86 -11.08
CA ASP A 181 17.23 -4.74 -11.86
C ASP A 181 17.55 -6.23 -11.71
N GLU A 182 16.62 -7.06 -12.16
CA GLU A 182 16.74 -8.50 -12.09
C GLU A 182 15.92 -9.11 -13.20
N ASP A 183 16.58 -9.83 -14.10
CA ASP A 183 15.89 -10.53 -15.16
C ASP A 183 15.26 -11.80 -14.57
N PHE A 184 14.15 -12.24 -15.18
CA PHE A 184 13.39 -13.44 -14.72
C PHE A 184 12.70 -14.16 -15.88
N LEU A 185 12.47 -15.47 -15.71
CA LEU A 185 11.72 -16.27 -16.68
C LEU A 185 10.41 -16.72 -16.05
N ASP A 186 10.52 -17.26 -14.83
CA ASP A 186 9.36 -17.46 -13.97
C ASP A 186 9.25 -16.29 -13.02
N LEU A 187 8.02 -16.03 -12.59
CA LEU A 187 7.72 -15.11 -11.49
C LEU A 187 7.06 -15.95 -10.38
N SER A 188 7.75 -16.12 -9.26
CA SER A 188 7.32 -17.05 -8.22
C SER A 188 6.63 -16.26 -7.14
N VAL A 189 5.34 -16.51 -6.98
CA VAL A 189 4.43 -15.63 -6.23
C VAL A 189 3.85 -16.42 -5.10
N ASP A 190 3.93 -15.87 -3.90
CA ASP A 190 3.45 -16.57 -2.71
C ASP A 190 1.94 -16.36 -2.60
N VAL A 191 1.28 -17.17 -1.77
CA VAL A 191 -0.12 -17.60 -1.97
C VAL A 191 -0.89 -17.66 -0.65
N GLU A 192 -2.03 -16.96 -0.56
CA GLU A 192 -2.87 -17.04 0.68
C GLU A 192 -4.33 -17.39 0.43
N GLN A 193 -5.04 -17.76 1.49
CA GLN A 193 -6.36 -18.38 1.38
C GLN A 193 -7.38 -17.36 0.88
N ASN A 194 -8.20 -17.80 -0.07
CA ASN A 194 -9.32 -17.00 -0.61
C ASN A 194 -8.89 -15.69 -1.28
N THR A 195 -8.12 -15.83 -2.33
CA THR A 195 -7.32 -14.75 -2.85
C THR A 195 -7.33 -14.88 -4.35
N SER A 196 -6.74 -13.91 -5.03
CA SER A 196 -6.59 -13.94 -6.46
C SER A 196 -5.13 -13.77 -6.81
N ILE A 197 -4.70 -14.30 -7.95
CA ILE A 197 -3.31 -14.13 -8.34
C ILE A 197 -2.96 -12.66 -8.38
N THR A 198 -3.97 -11.85 -8.72
CA THR A 198 -3.76 -10.43 -8.87
C THR A 198 -3.49 -9.81 -7.50
N HIS A 199 -4.14 -10.32 -6.46
CA HIS A 199 -3.73 -9.93 -5.10
C HIS A 199 -2.35 -10.40 -4.72
N CYS A 200 -2.10 -11.69 -4.90
CA CYS A 200 -0.79 -12.31 -4.63
C CYS A 200 0.35 -11.59 -5.36
N LEU A 201 0.10 -11.17 -6.58
CA LEU A 201 1.05 -10.36 -7.31
C LEU A 201 1.35 -9.01 -6.62
N ARG A 202 0.34 -8.35 -6.04
CA ARG A 202 0.60 -7.14 -5.22
C ARG A 202 1.48 -7.39 -3.98
N GLY A 203 1.35 -8.59 -3.41
CA GLY A 203 2.19 -9.05 -2.30
C GLY A 203 3.66 -9.19 -2.65
N PHE A 204 3.93 -9.74 -3.82
CA PHE A 204 5.26 -9.72 -4.41
C PHE A 204 5.84 -8.31 -4.35
N SER A 205 5.02 -7.32 -4.72
CA SER A 205 5.43 -5.91 -4.75
C SER A 205 5.11 -5.10 -3.48
N ASN A 206 5.00 -5.80 -2.35
CA ASN A 206 4.90 -5.17 -1.04
C ASN A 206 6.09 -4.34 -0.68
N THR A 207 5.91 -3.54 0.36
CA THR A 207 6.91 -2.59 0.76
C THR A 207 7.53 -2.99 2.08
N GLU A 208 8.80 -3.40 2.04
CA GLU A 208 9.59 -3.65 3.23
C GLU A 208 10.08 -2.29 3.76
N THR A 209 10.06 -2.10 5.08
CA THR A 209 10.37 -0.78 5.65
C THR A 209 11.60 -0.83 6.56
N LEU A 210 12.66 -0.22 6.06
CA LEU A 210 13.87 -0.05 6.83
C LEU A 210 13.68 1.10 7.80
N CYS A 211 13.71 0.80 9.10
CA CYS A 211 13.48 1.78 10.14
C CYS A 211 14.07 1.37 11.50
N SER A 212 13.85 2.20 12.51
CA SER A 212 14.30 1.94 13.87
C SER A 212 15.80 1.70 14.00
N GLU A 213 16.18 0.64 14.74
CA GLU A 213 17.58 0.23 14.87
C GLU A 213 18.19 -0.24 13.53
N TYR A 214 17.35 -0.65 12.57
CA TYR A 214 17.83 -1.07 11.24
C TYR A 214 17.53 -0.04 10.11
N LYS A 215 17.64 1.24 10.42
CA LYS A 215 17.53 2.29 9.37
C LYS A 215 18.63 2.23 8.29
N TYR A 216 18.37 2.94 7.20
CA TYR A 216 19.19 2.99 5.99
C TYR A 216 20.07 4.24 5.94
N TYR A 217 21.36 4.06 5.63
CA TYR A 217 22.25 5.19 5.39
C TYR A 217 21.94 5.76 3.97
N CYS A 218 21.45 7.02 3.88
CA CYS A 218 21.22 7.74 2.60
C CYS A 218 22.53 8.44 2.27
N GLU A 219 23.05 8.15 1.08
CA GLU A 219 24.16 8.89 0.48
C GLU A 219 23.86 10.40 0.53
N GLU A 220 22.64 10.77 0.09
CA GLU A 220 22.28 12.20 -0.07
C GLU A 220 21.97 12.79 1.29
N CYS A 221 21.09 12.12 2.02
CA CYS A 221 20.71 12.58 3.38
C CYS A 221 22.03 12.52 4.26
N ARG A 222 23.02 11.68 3.90
CA ARG A 222 24.30 11.57 4.61
C ARG A 222 24.13 11.19 6.07
N SER A 223 23.14 10.32 6.29
CA SER A 223 22.70 9.96 7.65
C SER A 223 21.75 8.78 7.57
N LYS A 224 21.39 8.28 8.76
CA LYS A 224 20.48 7.15 8.86
C LYS A 224 19.00 7.62 8.84
N GLN A 225 18.26 7.14 7.85
CA GLN A 225 16.87 7.56 7.64
C GLN A 225 15.99 6.33 7.46
N GLU A 226 14.68 6.51 7.41
CA GLU A 226 13.78 5.40 7.09
C GLU A 226 13.82 5.19 5.61
N ALA A 227 13.44 4.02 5.15
CA ALA A 227 13.41 3.79 3.72
C ALA A 227 12.42 2.69 3.37
N HIS A 228 12.03 2.66 2.10
CA HIS A 228 11.11 1.65 1.58
C HIS A 228 11.81 0.93 0.47
N LYS A 229 11.78 -0.40 0.52
CA LYS A 229 12.33 -1.27 -0.51
C LYS A 229 11.13 -1.98 -1.07
N ARG A 230 11.10 -2.18 -2.38
CA ARG A 230 9.92 -2.66 -3.10
C ARG A 230 10.28 -3.29 -4.44
N MET A 231 9.72 -4.45 -4.77
CA MET A 231 9.97 -5.05 -6.08
C MET A 231 8.84 -4.79 -7.07
N LYS A 232 9.17 -4.38 -8.29
CA LYS A 232 8.16 -4.05 -9.31
C LYS A 232 8.55 -4.54 -10.69
N VAL A 233 7.58 -5.01 -11.47
CA VAL A 233 7.86 -5.47 -12.84
C VAL A 233 8.08 -4.27 -13.74
N LYS A 234 9.16 -4.31 -14.52
CA LYS A 234 9.61 -3.18 -15.32
C LYS A 234 9.44 -3.50 -16.79
N LYS A 235 10.10 -4.55 -17.26
CA LYS A 235 9.87 -5.06 -18.60
C LYS A 235 8.97 -6.28 -18.44
N LEU A 236 7.84 -6.30 -19.14
CA LEU A 236 6.92 -7.44 -19.08
C LEU A 236 7.23 -8.42 -20.21
N PRO A 237 7.05 -9.73 -19.96
CA PRO A 237 7.42 -10.71 -21.00
C PRO A 237 6.38 -10.89 -22.09
N MET A 238 6.79 -11.56 -23.17
CA MET A 238 5.87 -12.01 -24.22
C MET A 238 4.98 -13.12 -23.69
N ILE A 239 5.54 -13.93 -22.79
CA ILE A 239 4.78 -14.92 -22.04
C ILE A 239 5.14 -14.84 -20.54
N LEU A 240 4.13 -14.49 -19.74
CA LEU A 240 4.27 -14.40 -18.30
C LEU A 240 3.93 -15.75 -17.74
N ALA A 241 4.94 -16.39 -17.17
CA ALA A 241 4.76 -17.66 -16.50
C ALA A 241 4.63 -17.35 -15.01
N LEU A 242 3.53 -17.75 -14.40
CA LEU A 242 3.30 -17.51 -12.98
C LEU A 242 3.34 -18.81 -12.18
N HIS A 243 4.36 -18.93 -11.33
CA HIS A 243 4.44 -20.05 -10.40
C HIS A 243 3.72 -19.68 -9.10
N LEU A 244 2.78 -20.53 -8.68
CA LEU A 244 2.11 -20.39 -7.38
C LEU A 244 2.82 -21.21 -6.29
N LYS A 245 3.51 -20.55 -5.36
CA LYS A 245 4.27 -21.25 -4.31
C LYS A 245 3.38 -21.99 -3.31
N ARG A 246 2.84 -23.11 -3.78
CA ARG A 246 1.97 -23.98 -2.97
C ARG A 246 2.78 -24.98 -2.13
N PHE A 247 4.04 -25.22 -2.51
CA PHE A 247 4.89 -26.16 -1.80
C PHE A 247 5.86 -25.36 -0.94
N LYS A 248 5.61 -25.35 0.37
CA LYS A 248 6.31 -24.45 1.30
C LYS A 248 6.87 -25.22 2.48
N TYR A 249 8.19 -25.10 2.71
CA TYR A 249 8.89 -25.80 3.79
C TYR A 249 8.50 -25.24 5.15
N MET A 250 7.30 -25.60 5.62
CA MET A 250 6.83 -25.24 6.96
C MET A 250 7.64 -26.09 7.93
N ASP A 251 8.74 -25.52 8.43
CA ASP A 251 9.68 -26.21 9.33
C ASP A 251 9.20 -26.23 10.79
N GLN A 252 8.07 -26.89 11.00
CA GLN A 252 7.64 -27.39 12.31
C GLN A 252 8.14 -28.83 12.34
N LEU A 253 7.83 -29.55 11.26
CA LEU A 253 8.07 -30.97 11.12
C LEU A 253 9.50 -31.33 10.54
N HIS A 254 10.16 -30.27 10.06
CA HIS A 254 11.44 -30.37 9.35
C HIS A 254 11.01 -30.98 7.99
N ARG A 255 9.97 -30.41 7.39
CA ARG A 255 9.37 -30.94 6.17
C ARG A 255 8.75 -29.87 5.26
N TYR A 256 8.37 -30.32 4.07
CA TYR A 256 7.56 -29.56 3.10
C TYR A 256 6.07 -29.88 3.29
N THR A 257 5.22 -28.96 2.84
CA THR A 257 3.77 -29.17 2.80
C THR A 257 3.11 -28.48 1.59
N LYS A 258 1.98 -29.05 1.16
CA LYS A 258 1.17 -28.44 0.10
C LYS A 258 0.10 -27.50 0.69
N LEU A 259 -0.08 -26.37 0.00
CA LEU A 259 -1.12 -25.40 0.31
C LEU A 259 -2.24 -25.48 -0.72
N SER A 260 -3.37 -26.01 -0.26
CA SER A 260 -4.56 -26.21 -1.11
C SER A 260 -5.51 -25.00 -1.01
N TYR A 261 -4.95 -23.79 -0.94
CA TYR A 261 -5.70 -22.56 -0.80
C TYR A 261 -6.36 -22.21 -2.12
N ARG A 262 -7.56 -21.62 -2.06
CA ARG A 262 -8.27 -21.18 -3.27
C ARG A 262 -7.76 -19.85 -3.84
N VAL A 263 -6.98 -19.95 -4.89
CA VAL A 263 -6.45 -18.78 -5.56
C VAL A 263 -7.02 -18.73 -6.96
N VAL A 264 -7.87 -17.73 -7.17
CA VAL A 264 -8.64 -17.59 -8.39
C VAL A 264 -7.76 -16.85 -9.38
N PHE A 265 -7.94 -17.16 -10.66
CA PHE A 265 -7.19 -16.52 -11.74
C PHE A 265 -8.08 -16.31 -12.95
N PRO A 266 -8.02 -15.12 -13.54
CA PRO A 266 -8.84 -14.80 -14.69
C PRO A 266 -8.19 -15.30 -15.97
N LEU A 267 -8.96 -15.27 -17.04
CA LEU A 267 -8.53 -15.72 -18.37
C LEU A 267 -7.92 -14.55 -19.15
N GLU A 268 -8.26 -13.34 -18.73
CA GLU A 268 -7.72 -12.12 -19.28
C GLU A 268 -6.93 -11.44 -18.14
N LEU A 269 -5.84 -10.73 -18.47
CA LEU A 269 -4.97 -10.20 -17.38
C LEU A 269 -4.07 -9.01 -17.73
N ARG A 270 -4.11 -8.03 -16.83
CA ARG A 270 -3.15 -6.96 -16.78
C ARG A 270 -2.51 -7.00 -15.38
N LEU A 271 -1.33 -6.41 -15.26
CA LEU A 271 -0.62 -6.34 -13.99
C LEU A 271 -0.73 -4.94 -13.40
N PHE A 272 -0.96 -4.85 -12.10
CA PHE A 272 -0.91 -3.56 -11.39
C PHE A 272 0.50 -3.19 -10.86
N ASN A 273 1.41 -4.17 -10.80
CA ASN A 273 2.71 -4.04 -10.11
C ASN A 273 3.72 -3.05 -10.73
N THR A 274 3.36 -2.37 -11.81
CA THR A 274 4.34 -1.94 -12.80
C THR A 274 5.24 -0.79 -12.34
N SER A 275 6.47 -0.80 -12.83
CA SER A 275 7.60 0.01 -12.31
C SER A 275 7.37 1.51 -12.19
N GLY A 276 6.68 2.10 -13.16
CA GLY A 276 6.63 3.55 -13.29
C GLY A 276 7.60 4.04 -14.35
N ASP A 277 8.80 3.47 -14.40
CA ASP A 277 9.66 3.57 -15.58
C ASP A 277 9.43 2.37 -16.52
N ALA A 278 8.51 1.48 -16.14
CA ALA A 278 8.17 0.28 -16.91
C ALA A 278 7.82 0.54 -18.39
N THR A 279 8.36 -0.33 -19.24
CA THR A 279 8.35 -0.11 -20.68
C THR A 279 7.01 -0.38 -21.38
N ASN A 280 6.28 -1.39 -20.99
CA ASN A 280 5.08 -1.65 -21.74
C ASN A 280 3.99 -2.16 -20.85
N PRO A 281 3.52 -1.28 -20.00
CA PRO A 281 3.03 -1.70 -18.72
C PRO A 281 1.61 -2.18 -18.79
N ASP A 282 0.90 -2.03 -19.90
CA ASP A 282 -0.47 -2.51 -19.85
C ASP A 282 -0.68 -3.68 -20.80
N ARG A 283 0.38 -4.41 -21.13
CA ARG A 283 0.26 -5.66 -21.88
C ARG A 283 -0.97 -6.36 -21.33
N MET A 284 -2.00 -6.45 -22.17
CA MET A 284 -3.12 -7.33 -21.89
C MET A 284 -2.64 -8.77 -22.13
N TYR A 285 -3.00 -9.68 -21.24
CA TYR A 285 -2.60 -11.09 -21.37
C TYR A 285 -3.83 -11.97 -21.57
N ASP A 286 -3.61 -13.12 -22.22
CA ASP A 286 -4.62 -14.16 -22.37
C ASP A 286 -4.09 -15.44 -21.78
N LEU A 287 -4.90 -16.13 -20.98
CA LEU A 287 -4.51 -17.41 -20.42
C LEU A 287 -4.39 -18.42 -21.56
N VAL A 288 -3.17 -18.89 -21.78
CA VAL A 288 -2.89 -19.92 -22.77
C VAL A 288 -3.09 -21.27 -22.11
N ALA A 289 -2.31 -21.54 -21.07
CA ALA A 289 -2.34 -22.85 -20.43
C ALA A 289 -2.01 -22.79 -18.95
N VAL A 290 -2.52 -23.78 -18.21
CA VAL A 290 -2.20 -23.94 -16.80
C VAL A 290 -1.77 -25.37 -16.50
N VAL A 291 -0.82 -25.50 -15.56
CA VAL A 291 -0.48 -26.77 -14.95
C VAL A 291 -1.24 -26.91 -13.63
N VAL A 292 -2.31 -27.69 -13.65
CA VAL A 292 -2.95 -28.14 -12.38
C VAL A 292 -2.01 -29.14 -11.69
N HIS A 293 -2.35 -29.51 -10.46
CA HIS A 293 -1.63 -30.55 -9.76
C HIS A 293 -2.47 -31.16 -8.63
N CYS A 294 -2.75 -32.46 -8.71
CA CYS A 294 -3.51 -33.19 -7.69
C CYS A 294 -2.64 -33.75 -6.56
N GLY A 295 -3.24 -34.47 -5.63
CA GLY A 295 -2.51 -35.08 -4.50
C GLY A 295 -2.48 -34.17 -3.29
N SER A 296 -1.61 -34.49 -2.33
CA SER A 296 -1.58 -33.78 -1.03
C SER A 296 -0.19 -33.51 -0.43
N GLY A 297 0.86 -33.60 -1.24
CA GLY A 297 2.22 -33.31 -0.78
C GLY A 297 3.09 -32.98 -1.97
N PRO A 298 4.38 -32.68 -1.74
CA PRO A 298 5.32 -32.43 -2.85
C PRO A 298 5.70 -33.67 -3.67
N ASN A 299 5.72 -34.85 -3.02
CA ASN A 299 6.22 -36.09 -3.63
C ASN A 299 5.21 -37.24 -3.80
N ARG A 300 3.91 -36.96 -3.63
CA ARG A 300 2.84 -37.92 -3.96
C ARG A 300 1.87 -37.34 -5.01
N GLY A 301 2.33 -36.32 -5.74
CA GLY A 301 1.49 -35.58 -6.69
C GLY A 301 1.19 -36.24 -8.02
N HIS A 302 0.21 -35.67 -8.73
CA HIS A 302 -0.06 -35.96 -10.15
C HIS A 302 -0.33 -34.64 -10.88
N TYR A 303 0.52 -34.30 -11.85
CA TYR A 303 0.37 -33.07 -12.61
C TYR A 303 -0.56 -33.35 -13.80
N ILE A 304 -1.29 -32.31 -14.21
CA ILE A 304 -2.26 -32.35 -15.34
C ILE A 304 -2.12 -31.01 -16.06
N ALA A 305 -2.43 -30.97 -17.35
CA ALA A 305 -2.42 -29.72 -18.11
C ALA A 305 -3.81 -29.33 -18.59
N ILE A 306 -3.98 -28.03 -18.80
CA ILE A 306 -5.20 -27.43 -19.35
C ILE A 306 -4.70 -26.46 -20.40
N VAL A 307 -5.40 -26.35 -21.52
CA VAL A 307 -4.81 -25.80 -22.73
C VAL A 307 -5.83 -25.11 -23.64
N LYS A 308 -5.42 -24.01 -24.26
CA LYS A 308 -6.22 -23.31 -25.28
C LYS A 308 -5.52 -23.41 -26.64
N SER A 309 -6.25 -23.90 -27.64
CA SER A 309 -5.85 -23.77 -29.05
C SER A 309 -7.11 -23.40 -29.84
N HIS A 310 -7.09 -22.23 -30.49
CA HIS A 310 -8.26 -21.66 -31.17
C HIS A 310 -9.42 -21.50 -30.15
N ASP A 311 -10.63 -22.02 -30.43
CA ASP A 311 -11.73 -21.93 -29.45
C ASP A 311 -11.53 -22.86 -28.27
N PHE A 312 -11.38 -24.15 -28.58
CA PHE A 312 -11.42 -25.24 -27.59
C PHE A 312 -10.44 -25.11 -26.41
N TRP A 313 -10.86 -25.66 -25.27
CA TRP A 313 -10.01 -25.87 -24.10
C TRP A 313 -9.85 -27.37 -23.87
N LEU A 314 -8.64 -27.82 -23.51
CA LEU A 314 -8.31 -29.26 -23.47
C LEU A 314 -7.53 -29.71 -22.24
N LEU A 315 -7.99 -30.81 -21.64
CA LEU A 315 -7.31 -31.48 -20.52
C LEU A 315 -6.39 -32.58 -21.05
N PHE A 316 -5.28 -32.83 -20.35
CA PHE A 316 -4.33 -33.90 -20.66
C PHE A 316 -3.98 -34.62 -19.35
N ASP A 317 -4.67 -35.72 -19.01
CA ASP A 317 -4.44 -36.37 -17.70
C ASP A 317 -3.11 -37.15 -17.54
N ASP A 318 -2.96 -38.29 -18.23
CA ASP A 318 -1.67 -38.97 -18.39
C ASP A 318 -1.48 -39.16 -19.88
N ASP A 319 -2.27 -40.08 -20.42
CA ASP A 319 -2.41 -40.31 -21.85
C ASP A 319 -3.62 -39.53 -22.36
N ILE A 320 -4.63 -39.47 -21.50
CA ILE A 320 -6.05 -39.39 -21.86
C ILE A 320 -6.51 -37.94 -22.02
N VAL A 321 -6.71 -37.53 -23.27
CA VAL A 321 -7.20 -36.19 -23.61
C VAL A 321 -8.73 -36.12 -23.51
N GLU A 322 -9.23 -34.92 -23.26
CA GLU A 322 -10.67 -34.66 -23.07
C GLU A 322 -10.97 -33.17 -23.36
N LYS A 323 -11.92 -32.88 -24.25
CA LYS A 323 -12.32 -31.48 -24.53
C LYS A 323 -13.27 -31.01 -23.43
N ILE A 324 -12.91 -29.87 -22.81
CA ILE A 324 -13.68 -29.27 -21.71
C ILE A 324 -13.83 -27.76 -21.94
N ASP A 325 -15.02 -27.22 -21.66
CA ASP A 325 -15.28 -25.79 -21.85
C ASP A 325 -14.59 -24.97 -20.75
N ALA A 326 -14.25 -23.72 -21.06
CA ALA A 326 -13.59 -22.85 -20.10
C ALA A 326 -14.33 -22.83 -18.76
N GLN A 327 -15.64 -23.00 -18.82
CA GLN A 327 -16.46 -23.01 -17.61
C GLN A 327 -15.83 -23.90 -16.55
N ALA A 328 -14.99 -24.84 -16.99
CA ALA A 328 -14.58 -26.01 -16.23
C ALA A 328 -13.20 -25.78 -15.59
N ILE A 329 -12.71 -24.54 -15.67
CA ILE A 329 -11.41 -24.19 -15.09
C ILE A 329 -11.57 -23.82 -13.61
N GLU A 330 -12.77 -23.38 -13.22
CA GLU A 330 -13.08 -23.09 -11.81
C GLU A 330 -12.98 -24.28 -10.83
N GLU A 331 -12.81 -25.52 -11.33
CA GLU A 331 -12.49 -26.66 -10.45
C GLU A 331 -11.08 -26.53 -9.91
N PHE A 332 -10.20 -25.89 -10.68
CA PHE A 332 -8.76 -25.87 -10.39
C PHE A 332 -8.26 -24.60 -9.69
N TYR A 333 -9.11 -23.98 -8.88
CA TYR A 333 -8.73 -22.75 -8.17
C TYR A 333 -8.08 -23.09 -6.83
N GLY A 334 -8.81 -23.85 -6.02
CA GLY A 334 -8.28 -24.42 -4.78
C GLY A 334 -9.40 -24.68 -3.79
N LEU A 335 -9.03 -25.00 -2.56
CA LEU A 335 -10.02 -25.36 -1.56
C LEU A 335 -10.20 -24.26 -0.55
N THR A 336 -11.41 -24.21 -0.02
CA THR A 336 -11.84 -23.25 0.98
C THR A 336 -11.83 -23.99 2.27
N SER A 337 -12.77 -24.90 2.38
CA SER A 337 -12.91 -25.74 3.58
C SER A 337 -11.59 -26.48 3.84
N ASP A 338 -10.78 -26.67 2.79
CA ASP A 338 -9.49 -27.39 2.87
C ASP A 338 -9.24 -28.74 3.55
N ILE A 339 -9.91 -29.78 3.03
CA ILE A 339 -9.74 -31.11 3.61
C ILE A 339 -8.30 -31.62 3.41
N SER A 340 -7.40 -30.75 2.93
CA SER A 340 -6.07 -31.12 2.49
C SER A 340 -6.16 -32.28 1.49
N LYS A 341 -7.29 -32.40 0.79
CA LYS A 341 -7.72 -33.67 0.21
C LYS A 341 -7.17 -33.97 -1.19
N ASN A 342 -7.96 -33.64 -2.21
CA ASN A 342 -7.54 -33.83 -3.58
C ASN A 342 -6.93 -32.53 -4.08
N SER A 343 -7.52 -31.42 -3.62
CA SER A 343 -7.07 -30.08 -3.97
C SER A 343 -6.64 -29.97 -5.43
N GLU A 344 -7.37 -30.64 -6.31
CA GLU A 344 -7.03 -30.60 -7.74
C GLU A 344 -6.81 -29.10 -7.64
N SER A 345 -5.61 -28.61 -8.10
CA SER A 345 -5.31 -27.16 -8.00
C SER A 345 -4.18 -26.64 -8.86
N GLY A 346 -4.38 -25.44 -9.40
CA GLY A 346 -3.43 -24.75 -10.28
C GLY A 346 -2.06 -24.58 -9.66
N TYR A 347 -1.06 -24.34 -10.50
CA TYR A 347 0.34 -24.36 -10.03
C TYR A 347 1.30 -23.52 -10.87
N ILE A 348 1.29 -23.72 -12.17
CA ILE A 348 2.04 -22.88 -13.10
C ILE A 348 1.07 -22.35 -14.14
N LEU A 349 0.98 -21.03 -14.21
CA LEU A 349 0.02 -20.36 -15.08
C LEU A 349 0.77 -19.65 -16.21
N PHE A 350 0.37 -19.93 -17.47
CA PHE A 350 0.99 -19.32 -18.67
C PHE A 350 0.05 -18.32 -19.33
N TYR A 351 0.46 -17.06 -19.31
CA TYR A 351 -0.31 -15.96 -19.87
C TYR A 351 0.45 -15.45 -21.07
N GLN A 352 -0.24 -15.23 -22.20
CA GLN A 352 0.39 -14.69 -23.42
C GLN A 352 -0.13 -13.34 -23.84
N SER A 353 0.78 -12.47 -24.29
CA SER A 353 0.47 -11.10 -24.72
C SER A 353 -0.55 -11.06 -25.85
N ARG A 354 -1.41 -10.06 -25.81
CA ARG A 354 -2.49 -9.90 -26.78
C ARG A 354 -1.85 -9.40 -28.07
N ASP A 355 -1.15 -8.27 -27.97
CA ASP A 355 -0.37 -7.70 -29.07
C ASP A 355 0.75 -8.65 -29.52
N LYS B 14 26.62 0.13 27.29
CA LYS B 14 27.11 0.37 25.88
C LYS B 14 27.27 1.91 25.66
N VAL B 15 28.19 2.50 26.42
CA VAL B 15 28.37 3.97 26.50
C VAL B 15 29.57 4.48 25.66
N GLN B 16 29.28 5.13 24.53
CA GLN B 16 30.34 5.69 23.66
C GLN B 16 30.83 7.08 24.12
N VAL B 17 31.87 7.60 23.45
CA VAL B 17 32.41 8.94 23.75
C VAL B 17 32.64 9.59 22.40
N SER B 18 31.86 10.63 22.13
CA SER B 18 31.97 11.39 20.90
C SER B 18 32.44 12.76 21.21
N TYR B 19 32.99 13.42 20.20
CA TYR B 19 33.52 14.76 20.34
C TYR B 19 33.51 15.42 18.97
N VAL B 20 33.55 16.76 18.94
CA VAL B 20 33.36 17.51 17.69
C VAL B 20 34.47 18.51 17.31
N ILE B 21 34.89 18.41 16.06
CA ILE B 21 35.98 19.17 15.52
C ILE B 21 35.35 20.31 14.74
N ARG B 22 35.29 21.43 15.44
CA ARG B 22 34.56 22.60 14.99
C ARG B 22 35.22 23.83 15.62
N ASP B 23 34.96 24.98 15.02
CA ASP B 23 35.26 26.28 15.62
C ASP B 23 34.37 26.53 16.85
N GLU B 24 34.87 27.23 17.86
CA GLU B 24 34.11 27.60 19.09
C GLU B 24 32.69 28.12 18.91
N VAL B 25 32.45 28.90 17.86
CA VAL B 25 31.10 29.43 17.64
C VAL B 25 30.30 28.72 16.55
N GLU B 26 30.87 28.58 15.36
CA GLU B 26 30.08 28.09 14.23
C GLU B 26 28.77 28.91 14.10
N LYS B 27 28.95 30.16 13.67
CA LYS B 27 27.86 31.11 13.62
C LYS B 27 26.93 30.90 12.42
N TYR B 28 27.33 30.10 11.44
CA TYR B 28 26.43 29.71 10.34
C TYR B 28 25.93 28.27 10.38
N ASN B 29 24.84 28.02 9.68
CA ASN B 29 24.32 26.67 9.62
C ASN B 29 25.35 25.91 8.83
N ARG B 30 25.80 24.79 9.39
CA ARG B 30 26.76 23.91 8.75
C ARG B 30 26.10 22.84 7.89
N ASN B 31 24.78 22.92 7.77
CA ASN B 31 23.95 21.95 7.07
C ASN B 31 22.58 22.57 6.87
N GLY B 32 21.87 22.05 5.87
CA GLY B 32 20.44 22.37 5.65
C GLY B 32 19.29 22.40 6.65
N VAL B 33 18.60 23.54 6.68
CA VAL B 33 17.70 23.98 7.74
C VAL B 33 16.36 23.26 7.61
N ASN B 34 15.82 22.84 8.74
CA ASN B 34 14.61 22.01 8.74
C ASN B 34 13.35 22.78 9.06
N ALA B 35 13.45 23.82 9.88
CA ALA B 35 12.29 24.47 10.45
C ALA B 35 12.57 25.92 10.87
N LEU B 36 11.54 26.75 10.76
CA LEU B 36 11.62 28.19 10.95
C LEU B 36 10.47 28.68 11.84
N GLN B 37 10.82 29.34 12.94
CA GLN B 37 9.89 30.22 13.67
C GLN B 37 10.18 31.68 13.36
N LEU B 38 9.55 32.64 14.06
CA LEU B 38 9.66 34.06 13.66
C LEU B 38 9.51 35.22 14.67
N ASP B 39 8.85 35.08 15.81
CA ASP B 39 8.80 36.22 16.81
C ASP B 39 8.67 37.64 16.24
N PRO B 40 7.44 38.07 15.90
CA PRO B 40 7.28 39.32 15.18
C PRO B 40 7.44 40.58 16.09
N ALA B 41 7.45 40.39 17.41
CA ALA B 41 7.76 41.45 18.36
C ALA B 41 9.21 41.93 18.31
N LEU B 42 10.16 40.99 18.22
CA LEU B 42 11.58 41.29 18.18
C LEU B 42 12.25 41.22 16.79
N ASN B 43 11.46 40.97 15.75
CA ASN B 43 11.96 40.77 14.39
C ASN B 43 13.18 39.83 14.29
N ARG B 44 13.09 38.70 14.97
CA ARG B 44 14.09 37.64 14.96
C ARG B 44 13.60 36.45 14.15
N LEU B 45 14.47 35.79 13.37
CA LEU B 45 14.16 34.46 12.83
C LEU B 45 14.70 33.45 13.84
N PHE B 46 14.16 32.24 13.84
CA PHE B 46 14.90 31.10 14.42
C PHE B 46 15.04 30.10 13.32
N THR B 47 16.27 29.63 13.11
CA THR B 47 16.51 28.48 12.27
C THR B 47 16.74 27.27 13.17
N ALA B 48 16.40 26.10 12.63
CA ALA B 48 16.74 24.84 13.28
C ALA B 48 17.44 24.01 12.25
N GLY B 49 18.66 23.61 12.60
CA GLY B 49 19.61 23.11 11.62
C GLY B 49 19.78 21.61 11.67
N ARG B 50 19.92 21.01 10.49
CA ARG B 50 20.42 19.63 10.42
C ARG B 50 21.78 19.52 11.18
N ASP B 51 22.55 20.60 11.23
CA ASP B 51 23.79 20.62 12.00
C ASP B 51 23.55 20.78 13.52
N SER B 52 22.50 20.21 14.09
CA SER B 52 22.33 20.16 15.58
C SER B 52 22.05 21.51 16.24
N ILE B 53 22.17 22.62 15.51
CA ILE B 53 22.21 23.93 16.18
C ILE B 53 21.01 24.79 15.76
N ILE B 54 20.39 25.41 16.77
CA ILE B 54 19.30 26.37 16.60
C ILE B 54 19.90 27.77 16.77
N ARG B 55 19.83 28.54 15.68
CA ARG B 55 20.34 29.92 15.70
C ARG B 55 19.21 30.95 15.65
N ILE B 56 19.45 32.07 16.33
CA ILE B 56 18.60 33.25 16.31
C ILE B 56 19.17 34.33 15.39
N TRP B 57 18.35 34.88 14.53
CA TRP B 57 18.76 35.90 13.55
C TRP B 57 18.01 37.23 13.77
N SER B 58 18.18 38.19 12.87
CA SER B 58 17.49 39.47 12.98
C SER B 58 17.08 39.95 11.62
N VAL B 59 15.77 40.07 11.45
CA VAL B 59 15.18 40.32 10.13
C VAL B 59 15.04 41.80 9.76
N ASN B 60 15.47 42.72 10.65
CA ASN B 60 15.89 44.08 10.25
C ASN B 60 16.93 44.10 9.14
N GLN B 61 16.55 44.58 7.95
CA GLN B 61 17.51 44.74 6.85
C GLN B 61 18.37 45.98 7.08
N HIS B 62 18.11 46.69 8.17
CA HIS B 62 19.02 47.68 8.69
C HIS B 62 20.35 47.03 9.09
N LYS B 63 20.29 45.98 9.91
CA LYS B 63 21.50 45.29 10.37
C LYS B 63 22.26 44.60 9.23
N GLN B 64 23.59 44.65 9.29
CA GLN B 64 24.46 43.92 8.35
C GLN B 64 24.71 42.50 8.79
N ASP B 65 24.94 42.35 10.09
CA ASP B 65 25.22 41.07 10.76
C ASP B 65 23.93 40.56 11.40
N PRO B 66 23.20 39.70 10.66
CA PRO B 66 21.93 39.29 11.24
C PRO B 66 22.12 38.40 12.51
N TYR B 67 23.20 37.62 12.57
CA TYR B 67 23.40 36.65 13.68
C TYR B 67 23.21 37.30 15.06
N ILE B 68 22.69 36.55 16.02
CA ILE B 68 22.47 37.03 17.37
C ILE B 68 23.00 36.04 18.39
N ALA B 69 22.55 34.79 18.28
CA ALA B 69 23.02 33.76 19.21
C ALA B 69 23.02 32.40 18.57
N SER B 70 23.49 31.43 19.36
CA SER B 70 23.31 30.02 19.04
C SER B 70 22.81 29.33 20.26
N MET B 71 21.96 28.33 20.02
CA MET B 71 21.33 27.58 21.09
C MET B 71 21.74 26.16 20.83
N GLU B 72 22.68 25.66 21.86
CA GLU B 72 23.39 24.46 21.48
C GLU B 72 23.18 23.39 22.51
N HIS B 73 22.46 22.21 22.34
CA HIS B 73 22.34 21.01 23.16
C HIS B 73 22.35 19.70 22.34
N HIS B 74 21.31 19.63 21.35
CA HIS B 74 21.07 18.38 20.63
C HIS B 74 22.15 17.76 19.75
N THR B 75 22.17 16.49 19.59
CA THR B 75 23.22 15.65 19.07
C THR B 75 23.00 15.35 17.62
N ASP B 76 21.63 15.68 17.11
CA ASP B 76 21.53 15.10 15.73
C ASP B 76 20.93 16.16 14.70
N TRP B 77 19.75 15.96 14.26
CA TRP B 77 19.14 17.00 13.48
C TRP B 77 18.10 17.65 14.34
N VAL B 78 17.93 18.94 14.15
CA VAL B 78 16.78 19.56 14.82
C VAL B 78 15.70 19.65 13.77
N ASN B 79 14.68 18.82 13.93
CA ASN B 79 13.71 18.56 12.89
C ASN B 79 12.57 19.57 12.90
N ASP B 80 12.25 20.10 14.08
CA ASP B 80 11.21 21.09 14.17
C ASP B 80 11.27 21.91 15.44
N ILE B 81 10.72 23.12 15.30
CA ILE B 81 10.65 24.10 16.36
C ILE B 81 9.34 24.89 16.36
N VAL B 82 9.06 25.33 17.58
CA VAL B 82 7.87 26.03 17.90
C VAL B 82 8.22 27.07 18.91
N LEU B 83 7.82 28.29 18.58
CA LEU B 83 8.02 29.43 19.42
C LEU B 83 6.70 29.79 20.11
N CYS B 84 6.76 30.03 21.40
CA CYS B 84 5.56 30.18 22.18
C CYS B 84 5.79 30.92 23.49
N CYS B 85 4.70 31.30 24.16
CA CYS B 85 4.68 32.32 25.23
C CYS B 85 5.24 33.70 24.84
N ASN B 86 4.94 34.15 23.61
CA ASN B 86 5.35 35.46 23.07
C ASN B 86 6.84 35.53 22.86
N GLY B 87 7.41 34.44 22.35
CA GLY B 87 8.83 34.37 22.11
C GLY B 87 9.66 34.04 23.33
N LYS B 88 9.08 34.01 24.53
CA LYS B 88 9.88 33.71 25.73
C LYS B 88 10.43 32.29 25.71
N THR B 89 9.59 31.35 25.28
CA THR B 89 9.88 29.92 25.28
C THR B 89 9.93 29.31 23.87
N LEU B 90 10.79 28.32 23.69
CA LEU B 90 10.94 27.65 22.39
C LEU B 90 11.06 26.18 22.63
N ILE B 91 10.43 25.39 21.76
CA ILE B 91 10.44 23.95 21.89
C ILE B 91 10.95 23.33 20.59
N SER B 92 11.81 22.34 20.78
CA SER B 92 12.63 21.81 19.70
C SER B 92 12.47 20.31 19.70
N ALA B 93 12.52 19.73 18.50
CA ALA B 93 12.43 18.30 18.36
C ALA B 93 13.53 17.79 17.44
N SER B 94 14.22 16.72 17.86
CA SER B 94 15.42 16.26 17.14
C SER B 94 15.53 14.74 16.87
N SER B 95 16.26 14.43 15.78
CA SER B 95 16.65 13.06 15.40
C SER B 95 17.40 12.39 16.52
N ASP B 96 17.95 13.18 17.44
CA ASP B 96 18.53 12.67 18.67
C ASP B 96 17.51 12.15 19.65
N THR B 97 16.28 11.98 19.19
CA THR B 97 15.11 11.49 19.98
C THR B 97 14.60 12.39 21.11
N THR B 98 15.16 13.58 21.30
CA THR B 98 14.69 14.43 22.40
C THR B 98 13.75 15.54 21.98
N VAL B 99 13.03 16.00 23.00
CA VAL B 99 12.24 17.20 22.90
C VAL B 99 12.79 18.09 23.97
N LYS B 100 13.23 19.28 23.55
CA LYS B 100 13.87 20.25 24.44
C LYS B 100 13.13 21.59 24.53
N VAL B 101 13.15 22.09 25.77
CA VAL B 101 12.51 23.31 26.21
C VAL B 101 13.62 24.35 26.36
N TRP B 102 13.47 25.48 25.68
CA TRP B 102 14.47 26.53 25.69
C TRP B 102 13.91 27.85 26.17
N ASN B 103 14.75 28.64 26.83
CA ASN B 103 14.53 30.09 27.00
C ASN B 103 15.02 30.94 25.79
N ALA B 104 14.14 31.26 24.85
CA ALA B 104 14.56 31.86 23.56
C ALA B 104 14.97 33.34 23.61
N HIS B 105 14.84 33.93 24.78
CA HIS B 105 15.32 35.28 24.96
C HIS B 105 16.82 35.23 25.26
N LYS B 106 17.14 34.50 26.33
CA LYS B 106 18.50 34.23 26.77
C LYS B 106 19.20 32.99 26.14
N GLY B 107 18.61 32.42 25.08
CA GLY B 107 19.27 31.41 24.22
C GLY B 107 19.81 30.13 24.86
N PHE B 108 19.23 29.66 25.96
CA PHE B 108 19.72 28.45 26.61
C PHE B 108 18.69 27.34 26.99
N CYS B 109 19.10 26.09 26.82
CA CYS B 109 18.21 24.98 27.05
C CYS B 109 17.95 24.77 28.55
N MET B 110 16.67 24.60 28.92
CA MET B 110 16.23 24.46 30.33
C MET B 110 15.89 23.04 30.77
N SER B 111 15.38 22.25 29.82
CA SER B 111 14.89 20.91 30.08
C SER B 111 14.99 20.06 28.85
N THR B 112 15.19 18.77 29.10
CA THR B 112 15.16 17.74 28.09
C THR B 112 14.07 16.74 28.49
N LEU B 113 13.18 16.48 27.53
CA LEU B 113 12.16 15.47 27.66
C LEU B 113 12.59 14.29 26.82
N ARG B 114 12.58 13.09 27.44
CA ARG B 114 13.12 11.88 26.83
C ARG B 114 12.07 10.83 26.54
N THR B 115 10.83 11.23 26.32
CA THR B 115 9.75 10.24 26.21
C THR B 115 9.59 9.58 24.83
N HIS B 116 10.10 10.18 23.76
CA HIS B 116 10.10 9.44 22.49
C HIS B 116 11.20 8.38 22.44
N LYS B 117 11.03 7.40 21.55
CA LYS B 117 11.96 6.29 21.38
C LYS B 117 12.64 6.27 20.01
N ASP B 118 12.33 7.21 19.12
CA ASP B 118 12.92 7.24 17.78
C ASP B 118 13.01 8.72 17.45
N TYR B 119 13.45 9.10 16.26
CA TYR B 119 13.60 10.51 15.91
C TYR B 119 12.30 11.26 16.19
N VAL B 120 12.37 12.40 16.87
CA VAL B 120 11.19 13.24 17.02
C VAL B 120 11.19 14.15 15.81
N LYS B 121 10.11 14.04 15.06
CA LYS B 121 10.08 14.42 13.70
C LYS B 121 9.26 15.71 13.47
N ALA B 122 8.34 16.04 14.38
CA ALA B 122 7.51 17.25 14.22
C ALA B 122 6.85 17.77 15.50
N LEU B 123 6.45 19.04 15.45
CA LEU B 123 5.89 19.77 16.60
C LEU B 123 4.68 20.60 16.19
N ALA B 124 3.68 20.62 17.05
CA ALA B 124 2.47 21.39 16.77
C ALA B 124 2.12 22.24 17.95
N TYR B 125 1.55 23.41 17.63
CA TYR B 125 1.30 24.47 18.60
C TYR B 125 -0.11 25.04 18.55
N ALA B 126 -0.67 25.26 19.73
CA ALA B 126 -1.96 25.89 19.83
C ALA B 126 -1.84 27.02 20.85
N LYS B 127 -1.73 28.25 20.30
CA LYS B 127 -1.44 29.45 21.12
C LYS B 127 -2.43 29.56 22.25
N ASP B 128 -3.72 29.46 21.92
CA ASP B 128 -4.77 29.89 22.84
C ASP B 128 -4.77 29.06 24.11
N LYS B 129 -4.12 27.91 24.15
CA LYS B 129 -3.96 27.18 25.43
C LYS B 129 -2.54 26.88 25.83
N GLU B 130 -1.57 27.34 25.02
CA GLU B 130 -0.14 27.17 25.31
C GLU B 130 0.13 25.69 25.49
N LEU B 131 -0.13 25.02 24.36
CA LEU B 131 -0.11 23.59 24.24
C LEU B 131 0.71 23.21 23.02
N VAL B 132 1.63 22.27 23.23
CA VAL B 132 2.35 21.66 22.11
C VAL B 132 2.31 20.16 22.15
N ALA B 133 2.48 19.63 20.94
CA ALA B 133 2.48 18.22 20.74
C ALA B 133 3.76 17.93 20.04
N SER B 134 4.44 16.86 20.50
CA SER B 134 5.58 16.26 19.81
C SER B 134 5.18 14.95 19.21
N ALA B 135 5.71 14.64 18.02
CA ALA B 135 5.42 13.40 17.31
C ALA B 135 6.58 12.94 16.44
N GLY B 136 6.71 11.62 16.21
CA GLY B 136 7.70 11.14 15.23
C GLY B 136 7.71 9.67 14.84
N LEU B 137 8.91 9.14 14.57
CA LEU B 137 9.07 7.80 13.99
C LEU B 137 8.67 6.66 14.92
N ASP B 138 8.60 6.94 16.22
CA ASP B 138 8.06 5.97 17.16
C ASP B 138 6.54 5.89 17.14
N ARG B 139 5.92 6.45 16.11
CA ARG B 139 4.48 6.39 15.91
C ARG B 139 3.67 7.06 17.01
N GLN B 140 4.32 7.73 17.99
CA GLN B 140 3.57 8.27 19.11
C GLN B 140 3.50 9.80 19.11
N ILE B 141 2.56 10.31 19.88
CA ILE B 141 2.23 11.72 19.89
C ILE B 141 1.96 12.12 21.32
N PHE B 142 2.78 13.01 21.88
CA PHE B 142 2.54 13.47 23.25
C PHE B 142 2.13 14.94 23.25
N LEU B 143 1.50 15.30 24.35
CA LEU B 143 0.87 16.57 24.52
C LEU B 143 1.43 17.14 25.79
N TRP B 144 1.82 18.40 25.67
CA TRP B 144 2.62 19.04 26.67
C TRP B 144 2.03 20.42 26.88
N ASP B 145 1.69 20.73 28.13
CA ASP B 145 1.34 22.09 28.52
C ASP B 145 2.62 22.92 28.75
N VAL B 146 2.88 23.86 27.83
CA VAL B 146 4.14 24.61 27.85
C VAL B 146 4.43 25.20 29.22
N ASN B 147 3.41 25.71 29.88
CA ASN B 147 3.60 26.30 31.20
C ASN B 147 4.14 25.40 32.29
N THR B 148 3.75 24.13 32.30
CA THR B 148 4.30 23.21 33.29
C THR B 148 5.76 22.88 32.93
N LEU B 149 6.06 22.79 31.63
CA LEU B 149 7.42 22.52 31.19
C LEU B 149 8.40 23.58 31.74
N THR B 150 8.03 24.85 31.61
CA THR B 150 8.92 25.93 32.01
C THR B 150 8.99 26.16 33.53
N ALA B 151 8.12 25.51 34.31
CA ALA B 151 8.33 25.45 35.77
C ALA B 151 9.04 24.18 36.25
N LEU B 152 9.54 23.37 35.32
CA LEU B 152 10.35 22.20 35.69
C LEU B 152 11.59 22.69 36.38
N THR B 153 11.80 22.23 37.60
CA THR B 153 13.00 22.54 38.37
C THR B 153 13.82 21.25 38.38
N ALA B 154 14.74 21.13 39.34
CA ALA B 154 15.36 19.85 39.68
C ALA B 154 14.62 19.16 40.85
N SER B 155 13.80 19.92 41.59
CA SER B 155 13.02 19.40 42.71
C SER B 155 11.55 19.01 42.37
N ASN B 156 10.83 19.87 41.63
CA ASN B 156 9.51 19.55 41.03
C ASN B 156 9.70 19.33 39.53
N ASN B 157 10.54 18.34 39.22
CA ASN B 157 11.05 18.09 37.87
C ASN B 157 10.27 17.06 37.08
N THR B 158 9.28 16.42 37.71
CA THR B 158 8.52 15.38 37.05
C THR B 158 7.35 15.97 36.28
N VAL B 159 7.15 15.47 35.06
CA VAL B 159 6.02 15.88 34.23
C VAL B 159 5.13 14.67 33.97
N THR B 160 3.84 14.93 33.87
CA THR B 160 2.85 13.89 33.71
C THR B 160 2.47 13.77 32.23
N THR B 161 2.62 12.57 31.68
CA THR B 161 2.65 12.36 30.24
C THR B 161 1.25 12.02 29.68
N SER B 162 0.95 12.50 28.47
CA SER B 162 -0.37 12.30 27.86
C SER B 162 -0.28 12.07 26.35
N SER B 163 -0.67 10.88 25.87
CA SER B 163 -0.47 10.52 24.46
C SER B 163 -1.77 10.30 23.70
N LEU B 164 -1.68 10.03 22.40
CA LEU B 164 -2.81 9.70 21.54
C LEU B 164 -2.63 8.34 20.78
N SER B 165 -3.54 7.39 21.01
CA SER B 165 -3.52 6.11 20.30
C SER B 165 -3.97 6.33 18.89
N GLY B 166 -3.37 5.60 17.96
CA GLY B 166 -3.86 5.59 16.59
C GLY B 166 -2.89 5.21 15.51
N ASN B 167 -1.71 5.84 15.47
CA ASN B 167 -0.88 5.76 14.28
C ASN B 167 -0.29 4.41 14.11
N LYS B 168 -0.40 3.90 12.89
CA LYS B 168 0.10 2.59 12.56
C LYS B 168 1.46 2.59 11.84
N ASP B 169 1.94 3.76 11.45
CA ASP B 169 3.27 3.88 10.90
C ASP B 169 3.88 5.21 11.35
N SER B 170 5.13 5.45 10.95
CA SER B 170 5.92 6.55 11.51
C SER B 170 5.29 7.85 11.10
N ILE B 171 5.29 8.80 12.03
CA ILE B 171 4.72 10.13 11.79
C ILE B 171 5.78 11.15 11.36
N TYR B 172 5.47 11.88 10.29
CA TYR B 172 6.35 12.85 9.62
C TYR B 172 5.85 14.32 9.68
N SER B 173 4.66 14.57 10.22
CA SER B 173 4.07 15.92 10.18
C SER B 173 2.90 16.02 11.16
N LEU B 174 2.61 17.22 11.65
CA LEU B 174 1.73 17.33 12.82
C LEU B 174 1.23 18.75 13.03
N ALA B 175 -0.08 18.94 12.98
CA ALA B 175 -0.68 20.29 13.08
C ALA B 175 -1.77 20.37 14.14
N MET B 176 -1.85 21.47 14.87
CA MET B 176 -2.98 21.79 15.79
C MET B 176 -3.57 23.10 15.31
N ASN B 177 -4.85 23.30 15.61
CA ASN B 177 -5.53 24.57 15.36
C ASN B 177 -5.23 25.54 16.47
N GLN B 178 -5.43 26.81 16.19
CA GLN B 178 -5.12 27.83 17.17
C GLN B 178 -5.85 27.64 18.52
N LEU B 179 -7.06 27.11 18.44
CA LEU B 179 -7.91 26.97 19.61
C LEU B 179 -7.54 25.85 20.51
N GLY B 180 -6.90 24.83 19.93
CA GLY B 180 -6.40 23.68 20.66
C GLY B 180 -7.45 22.60 20.83
N THR B 181 -8.17 22.34 19.72
CA THR B 181 -9.41 21.51 19.65
C THR B 181 -9.47 20.52 18.45
N ILE B 182 -8.56 20.66 17.50
CA ILE B 182 -8.28 19.64 16.52
C ILE B 182 -6.76 19.47 16.52
N ILE B 183 -6.30 18.21 16.36
CA ILE B 183 -4.88 17.91 16.07
C ILE B 183 -4.81 16.87 14.95
N VAL B 184 -3.95 17.06 13.98
CA VAL B 184 -3.86 16.14 12.86
C VAL B 184 -2.45 15.66 12.71
N SER B 185 -2.29 14.35 12.65
CA SER B 185 -1.02 13.69 12.42
C SER B 185 -1.03 13.43 10.93
N GLY B 186 0.13 13.50 10.29
CA GLY B 186 0.30 13.10 8.89
C GLY B 186 1.51 12.19 8.91
N SER B 187 1.55 11.25 7.97
CA SER B 187 2.28 10.02 8.19
C SER B 187 2.50 9.20 6.96
N THR B 188 3.29 8.18 7.15
CA THR B 188 3.67 7.33 6.06
C THR B 188 2.60 6.26 5.88
N GLU B 189 1.63 6.29 6.79
CA GLU B 189 0.43 5.50 6.71
C GLU B 189 -0.51 6.01 5.62
N LYS B 190 -0.12 7.10 4.96
CA LYS B 190 -0.91 7.77 3.91
C LYS B 190 -2.12 8.57 4.44
N VAL B 191 -2.65 8.20 5.59
CA VAL B 191 -3.95 8.63 6.02
C VAL B 191 -3.77 9.64 7.10
N LEU B 192 -4.56 10.71 7.06
CA LEU B 192 -4.52 11.70 8.14
C LEU B 192 -5.37 11.18 9.29
N ARG B 193 -4.91 11.30 10.53
CA ARG B 193 -5.71 10.97 11.69
C ARG B 193 -5.91 12.24 12.49
N VAL B 194 -7.03 12.32 13.20
CA VAL B 194 -7.50 13.55 13.81
C VAL B 194 -7.95 13.25 15.24
N TRP B 195 -7.70 14.15 16.18
CA TRP B 195 -8.13 13.92 17.56
C TRP B 195 -8.58 15.25 18.19
N ASP B 196 -9.24 15.16 19.33
CA ASP B 196 -9.55 16.29 20.15
C ASP B 196 -8.50 16.24 21.27
N PRO B 197 -7.66 17.28 21.40
CA PRO B 197 -6.57 17.25 22.38
C PRO B 197 -6.97 17.22 23.84
N ARG B 198 -8.21 17.60 24.16
CA ARG B 198 -8.61 17.64 25.57
C ARG B 198 -8.89 16.23 26.09
N THR B 199 -9.78 15.55 25.39
CA THR B 199 -10.31 14.23 25.76
C THR B 199 -9.44 13.10 25.23
N CYS B 200 -8.78 13.38 24.10
CA CYS B 200 -7.89 12.47 23.37
C CYS B 200 -8.64 11.53 22.47
N ALA B 201 -9.92 11.81 22.33
CA ALA B 201 -10.80 11.00 21.52
C ALA B 201 -10.47 11.08 20.05
N LYS B 202 -10.36 9.92 19.42
CA LYS B 202 -10.15 9.89 17.97
C LYS B 202 -11.39 10.55 17.33
N LEU B 203 -11.21 11.45 16.38
CA LEU B 203 -12.37 12.04 15.70
C LEU B 203 -12.61 11.53 14.29
N MET B 204 -11.59 11.33 13.50
CA MET B 204 -11.80 10.81 12.15
C MET B 204 -10.50 10.41 11.50
N LYS B 205 -10.60 9.72 10.37
CA LYS B 205 -9.46 9.44 9.54
C LYS B 205 -9.81 9.95 8.17
N LEU B 206 -8.91 10.70 7.54
CA LEU B 206 -9.19 11.21 6.22
C LEU B 206 -8.31 10.47 5.22
N LYS B 207 -8.90 9.44 4.61
CA LYS B 207 -8.24 8.67 3.60
C LYS B 207 -8.23 9.52 2.33
N GLY B 208 -7.20 9.40 1.49
CA GLY B 208 -7.13 10.24 0.31
C GLY B 208 -5.79 10.28 -0.38
N HIS B 209 -4.74 10.63 0.36
CA HIS B 209 -3.38 10.65 -0.20
C HIS B 209 -2.82 9.27 -0.50
N THR B 210 -2.08 9.14 -1.59
CA THR B 210 -1.37 7.90 -1.95
C THR B 210 0.10 7.83 -1.50
N ASP B 211 0.58 8.67 -0.59
CA ASP B 211 1.99 8.67 -0.21
C ASP B 211 2.16 9.28 1.17
N ASN B 212 3.40 9.39 1.64
CA ASN B 212 3.69 10.09 2.89
C ASN B 212 3.17 11.55 2.84
N VAL B 213 3.02 12.15 4.02
CA VAL B 213 2.46 13.49 4.22
C VAL B 213 3.35 14.29 5.16
N LYS B 214 4.11 15.20 4.57
CA LYS B 214 5.11 15.98 5.31
C LYS B 214 4.62 17.34 5.76
N ALA B 215 3.46 17.77 5.25
CA ALA B 215 2.92 19.14 5.49
C ALA B 215 1.43 19.18 5.90
N LEU B 216 1.15 19.88 7.01
CA LEU B 216 -0.21 20.04 7.49
C LEU B 216 -0.54 21.42 8.09
N LEU B 217 -1.69 21.95 7.68
CA LEU B 217 -2.24 23.20 8.20
C LEU B 217 -3.73 23.08 8.57
N LEU B 218 -4.09 23.78 9.64
CA LEU B 218 -5.48 23.92 10.11
C LEU B 218 -5.93 25.39 10.23
N ASN B 219 -7.08 25.74 9.68
CA ASN B 219 -7.67 27.06 9.97
C ASN B 219 -7.93 27.24 11.48
N ARG B 220 -8.24 28.44 11.91
CA ARG B 220 -8.26 28.73 13.34
C ARG B 220 -9.32 27.92 14.10
N ASP B 221 -10.48 27.74 13.46
CA ASP B 221 -11.67 27.07 14.05
C ASP B 221 -11.58 25.57 14.06
N GLY B 222 -10.64 25.00 13.31
CA GLY B 222 -10.48 23.56 13.22
C GLY B 222 -11.63 22.93 12.48
N THR B 223 -11.96 23.53 11.34
CA THR B 223 -13.03 23.04 10.46
C THR B 223 -12.54 22.71 9.08
N GLN B 224 -11.34 23.11 8.73
CA GLN B 224 -10.76 22.76 7.45
C GLN B 224 -9.29 22.45 7.69
N CYS B 225 -8.69 21.78 6.70
CA CYS B 225 -7.31 21.35 6.81
C CYS B 225 -6.69 21.30 5.43
N LEU B 226 -5.46 21.78 5.38
CA LEU B 226 -4.68 21.71 4.18
C LEU B 226 -3.57 20.72 4.47
N SER B 227 -3.34 19.85 3.49
CA SER B 227 -2.37 18.79 3.63
C SER B 227 -1.54 18.73 2.38
N GLY B 228 -0.22 18.66 2.55
CA GLY B 228 0.72 18.56 1.43
C GLY B 228 1.41 17.22 1.53
N SER B 229 1.55 16.54 0.39
CA SER B 229 2.03 15.16 0.37
C SER B 229 3.06 14.85 -0.73
N SER B 230 3.77 13.76 -0.50
CA SER B 230 4.77 13.26 -1.42
C SER B 230 4.18 12.63 -2.68
N ASP B 231 2.86 12.43 -2.73
CA ASP B 231 2.16 12.09 -3.99
C ASP B 231 2.09 13.26 -4.95
N GLY B 232 2.47 14.44 -4.49
CA GLY B 232 2.60 15.61 -5.36
C GLY B 232 1.36 16.49 -5.39
N THR B 233 0.49 16.31 -4.39
CA THR B 233 -0.81 16.97 -4.34
C THR B 233 -0.96 17.69 -3.01
N ILE B 234 -1.82 18.71 -3.04
CA ILE B 234 -2.25 19.42 -1.85
C ILE B 234 -3.74 19.13 -1.74
N ARG B 235 -4.24 18.95 -0.52
CA ARG B 235 -5.66 18.63 -0.31
C ARG B 235 -6.29 19.52 0.74
N LEU B 236 -7.51 19.93 0.41
CA LEU B 236 -8.33 20.74 1.30
C LEU B 236 -9.45 19.83 1.84
N TRP B 237 -9.62 19.80 3.15
CA TRP B 237 -10.48 18.80 3.82
C TRP B 237 -11.61 19.49 4.58
N SER B 238 -12.81 18.91 4.54
CA SER B 238 -13.88 19.36 5.46
C SER B 238 -13.95 18.43 6.64
N LEU B 239 -13.60 18.95 7.80
CA LEU B 239 -13.68 18.19 9.03
C LEU B 239 -15.14 18.01 9.51
N GLY B 240 -16.02 18.89 9.03
CA GLY B 240 -17.46 18.76 9.25
C GLY B 240 -18.03 17.62 8.43
N GLN B 241 -17.82 17.66 7.12
CA GLN B 241 -18.22 16.56 6.21
C GLN B 241 -17.26 15.34 6.11
N GLN B 242 -16.32 15.26 7.07
CA GLN B 242 -15.24 14.26 7.10
C GLN B 242 -14.81 13.67 5.75
N ARG B 243 -14.41 14.56 4.84
CA ARG B 243 -14.08 14.16 3.49
C ARG B 243 -13.23 15.24 2.88
N CYS B 244 -12.77 14.94 1.68
CA CYS B 244 -11.90 15.84 0.94
C CYS B 244 -12.82 16.72 0.08
N ILE B 245 -12.64 18.03 0.20
CA ILE B 245 -13.28 19.00 -0.66
C ILE B 245 -12.56 19.21 -1.99
N ALA B 246 -11.24 19.33 -1.96
CA ALA B 246 -10.49 19.58 -3.19
C ALA B 246 -9.06 19.08 -3.14
N THR B 247 -8.46 19.00 -4.33
CA THR B 247 -7.18 18.34 -4.58
C THR B 247 -6.39 19.11 -5.64
N TYR B 248 -5.41 19.91 -5.23
CA TYR B 248 -4.60 20.72 -6.18
C TYR B 248 -3.23 20.10 -6.52
N ARG B 249 -2.94 20.00 -7.81
CA ARG B 249 -1.71 19.42 -8.32
C ARG B 249 -0.80 20.48 -9.03
N VAL B 250 -0.25 21.39 -8.24
CA VAL B 250 0.64 22.44 -8.76
C VAL B 250 2.13 22.04 -8.92
N HIS B 251 2.55 20.89 -8.37
CA HIS B 251 3.96 20.46 -8.39
C HIS B 251 4.19 19.17 -9.16
N ASP B 252 5.44 18.97 -9.60
CA ASP B 252 5.86 17.74 -10.28
C ASP B 252 6.19 16.66 -9.27
N GLU B 253 6.70 17.09 -8.10
CA GLU B 253 7.31 16.20 -7.12
C GLU B 253 6.75 16.44 -5.73
N GLY B 254 7.18 15.60 -4.79
CA GLY B 254 6.63 15.59 -3.46
C GLY B 254 6.56 16.93 -2.77
N VAL B 255 5.36 17.32 -2.38
CA VAL B 255 5.12 18.56 -1.62
C VAL B 255 5.50 18.34 -0.15
N TRP B 256 6.47 19.09 0.35
CA TRP B 256 6.93 18.90 1.73
C TRP B 256 6.70 20.10 2.65
N ALA B 257 6.26 21.24 2.12
CA ALA B 257 5.93 22.40 2.99
C ALA B 257 4.80 23.27 2.45
N LEU B 258 4.06 23.83 3.40
CA LEU B 258 2.93 24.68 3.12
C LEU B 258 2.79 25.81 4.15
N GLN B 259 2.46 26.98 3.66
CA GLN B 259 1.90 28.03 4.49
C GLN B 259 0.56 28.50 3.90
N VAL B 260 -0.20 29.22 4.73
CA VAL B 260 -1.50 29.77 4.35
C VAL B 260 -1.70 31.21 4.86
N ASN B 261 -2.43 32.01 4.09
CA ASN B 261 -2.76 33.40 4.49
C ASN B 261 -3.77 33.45 5.59
N ASP B 262 -3.97 34.61 6.22
CA ASP B 262 -4.77 34.68 7.45
C ASP B 262 -6.24 34.29 7.30
N ALA B 263 -6.75 34.30 6.08
CA ALA B 263 -8.16 33.95 5.82
C ALA B 263 -8.36 32.56 5.19
N PHE B 264 -7.28 31.81 5.04
CA PHE B 264 -7.36 30.42 4.63
C PHE B 264 -7.94 30.31 3.21
N THR B 265 -7.53 31.25 2.37
CA THR B 265 -7.95 31.30 0.96
C THR B 265 -6.82 31.01 -0.03
N HIS B 266 -5.59 31.28 0.40
CA HIS B 266 -4.37 31.21 -0.41
C HIS B 266 -3.31 30.32 0.24
N VAL B 267 -2.85 29.31 -0.50
CA VAL B 267 -1.88 28.36 0.01
C VAL B 267 -0.53 28.47 -0.73
N TYR B 268 0.52 28.69 0.05
CA TYR B 268 1.88 28.74 -0.44
C TYR B 268 2.43 27.35 -0.25
N SER B 269 3.10 26.82 -1.28
CA SER B 269 3.48 25.43 -1.29
C SER B 269 4.86 25.18 -1.92
N GLY B 270 5.72 24.47 -1.20
CA GLY B 270 7.04 24.09 -1.70
C GLY B 270 7.39 22.65 -1.38
N GLY B 271 8.47 22.18 -2.01
CA GLY B 271 8.96 20.83 -1.77
C GLY B 271 10.16 20.45 -2.62
N ARG B 272 10.17 19.19 -3.03
CA ARG B 272 11.31 18.60 -3.72
C ARG B 272 11.48 19.23 -5.08
N ASP B 273 10.35 19.43 -5.72
CA ASP B 273 10.17 20.18 -6.97
C ASP B 273 11.05 21.42 -7.14
N ARG B 274 11.28 22.14 -6.05
CA ARG B 274 12.15 23.32 -5.98
C ARG B 274 11.42 24.59 -6.32
N LYS B 275 10.32 24.46 -7.06
CA LYS B 275 9.48 25.61 -7.43
C LYS B 275 8.54 25.87 -6.27
N ILE B 276 8.29 27.13 -5.96
CA ILE B 276 7.38 27.54 -4.91
C ILE B 276 6.23 28.32 -5.55
N TYR B 277 4.99 27.94 -5.26
CA TYR B 277 3.80 28.62 -5.77
C TYR B 277 2.90 29.15 -4.67
N CYS B 278 2.30 30.31 -4.92
CA CYS B 278 1.08 30.76 -4.21
C CYS B 278 -0.13 30.34 -5.03
N THR B 279 -1.04 29.63 -4.39
CA THR B 279 -2.23 29.11 -5.05
C THR B 279 -3.47 29.56 -4.30
N ASP B 280 -4.47 29.95 -5.09
CA ASP B 280 -5.73 30.46 -4.59
C ASP B 280 -6.67 29.28 -4.60
N LEU B 281 -7.13 28.88 -3.42
CA LEU B 281 -7.86 27.61 -3.28
C LEU B 281 -9.12 27.62 -4.10
N ARG B 282 -9.71 28.81 -4.21
CA ARG B 282 -10.96 29.03 -4.94
C ARG B 282 -10.70 29.10 -6.44
N ASN B 283 -9.51 29.57 -6.82
CA ASN B 283 -9.08 29.55 -8.21
C ASN B 283 -7.65 29.03 -8.40
N PRO B 284 -7.50 27.70 -8.58
CA PRO B 284 -6.18 27.15 -8.84
C PRO B 284 -5.53 27.77 -10.06
N ASP B 285 -6.23 27.81 -11.20
CA ASP B 285 -5.61 28.23 -12.49
C ASP B 285 -4.86 29.58 -12.51
N ILE B 286 -5.08 30.43 -11.50
CA ILE B 286 -4.24 31.61 -11.25
C ILE B 286 -3.32 31.34 -10.05
N ARG B 287 -2.26 30.57 -10.32
CA ARG B 287 -1.15 30.38 -9.41
C ARG B 287 -0.05 31.28 -9.88
N VAL B 288 0.59 31.95 -8.93
CA VAL B 288 1.82 32.67 -9.18
C VAL B 288 3.00 31.79 -8.78
N LEU B 289 3.88 31.45 -9.73
CA LEU B 289 5.19 30.84 -9.40
C LEU B 289 6.09 31.88 -8.72
N ILE B 290 6.21 31.84 -7.40
CA ILE B 290 7.00 32.83 -6.69
C ILE B 290 8.50 32.75 -7.01
N CYS B 291 9.09 31.54 -6.95
CA CYS B 291 10.50 31.32 -7.34
C CYS B 291 10.80 29.88 -7.61
N GLU B 292 11.90 29.61 -8.29
CA GLU B 292 12.56 28.30 -8.25
C GLU B 292 13.80 28.43 -7.34
N GLU B 293 13.72 27.86 -6.13
CA GLU B 293 14.84 27.85 -5.18
C GLU B 293 15.99 26.97 -5.69
N LYS B 294 17.17 27.15 -5.08
CA LYS B 294 18.39 26.44 -5.50
C LYS B 294 18.28 24.93 -5.17
N ALA B 295 17.74 24.67 -3.97
CA ALA B 295 17.56 23.32 -3.42
C ALA B 295 16.08 22.96 -3.20
N PRO B 296 15.79 21.68 -2.86
CA PRO B 296 14.51 21.22 -2.33
C PRO B 296 14.08 21.96 -1.08
N VAL B 297 12.82 22.38 -1.06
CA VAL B 297 12.30 23.19 0.04
C VAL B 297 11.83 22.27 1.12
N LEU B 298 12.25 22.55 2.34
CA LEU B 298 11.84 21.70 3.47
C LEU B 298 10.77 22.33 4.31
N LYS B 299 10.82 23.64 4.45
CA LYS B 299 9.86 24.35 5.27
C LYS B 299 9.79 25.80 4.78
N MET B 300 8.73 26.49 5.19
CA MET B 300 8.54 27.92 4.88
C MET B 300 7.87 28.54 6.08
N GLU B 301 7.96 29.86 6.15
CA GLU B 301 7.30 30.64 7.19
C GLU B 301 7.00 32.01 6.60
N LEU B 302 5.72 32.39 6.57
CA LEU B 302 5.26 33.68 6.04
C LEU B 302 5.47 34.78 7.05
N ASP B 303 5.78 35.97 6.51
CA ASP B 303 5.86 37.21 7.28
C ASP B 303 4.44 37.63 7.55
N ARG B 304 4.10 37.69 8.84
CA ARG B 304 2.73 37.93 9.30
C ARG B 304 2.74 39.22 10.11
N SER B 305 3.08 40.30 9.42
CA SER B 305 2.91 41.64 9.96
C SER B 305 2.13 42.49 8.96
N ALA B 306 1.53 41.86 7.95
CA ALA B 306 0.82 42.58 6.91
C ALA B 306 -0.17 41.79 6.06
N ASP B 307 -1.28 42.43 5.49
CA ASP B 307 -2.24 41.31 5.35
C ASP B 307 -1.56 40.46 4.21
N PRO B 308 -1.13 41.13 3.17
CA PRO B 308 -1.12 40.42 1.92
C PRO B 308 0.20 39.69 1.93
N PRO B 309 0.33 38.93 2.99
CA PRO B 309 1.67 38.69 3.49
C PRO B 309 2.74 39.30 2.56
N PRO B 310 3.62 40.16 3.11
CA PRO B 310 4.67 40.80 2.30
C PRO B 310 5.70 39.81 1.79
N ALA B 311 6.17 38.97 2.71
CA ALA B 311 7.33 38.13 2.54
C ALA B 311 7.09 36.67 3.01
N ILE B 312 7.81 35.74 2.35
CA ILE B 312 8.03 34.37 2.84
C ILE B 312 9.52 33.93 2.97
N TRP B 313 9.94 33.72 4.21
CA TRP B 313 11.16 32.95 4.52
C TRP B 313 11.09 31.45 4.14
N VAL B 314 12.13 30.93 3.50
CA VAL B 314 12.17 29.56 3.03
C VAL B 314 13.47 28.83 3.43
N ALA B 315 13.30 27.63 4.00
CA ALA B 315 14.40 26.72 4.32
C ALA B 315 14.59 25.61 3.27
N THR B 316 15.84 25.23 3.03
CA THR B 316 16.15 24.15 2.12
C THR B 316 17.23 23.23 2.73
N THR B 317 17.66 22.28 1.92
CA THR B 317 18.76 21.39 2.25
C THR B 317 20.11 22.10 2.25
N LYS B 318 20.23 23.21 1.51
CA LYS B 318 21.39 24.13 1.65
C LYS B 318 21.31 24.92 2.94
N SER B 319 22.47 25.40 3.41
CA SER B 319 22.60 26.08 4.74
C SER B 319 22.20 27.54 4.72
N THR B 320 22.02 28.05 3.50
CA THR B 320 21.64 29.41 3.24
C THR B 320 20.10 29.56 3.29
N VAL B 321 19.64 30.48 4.15
CA VAL B 321 18.21 30.78 4.40
C VAL B 321 17.73 32.09 3.74
N ASN B 322 16.99 31.95 2.66
CA ASN B 322 16.40 33.10 1.93
C ASN B 322 15.05 33.63 2.41
N LYS B 323 14.86 34.95 2.28
CA LYS B 323 13.53 35.59 2.23
C LYS B 323 13.12 35.89 0.77
N TRP B 324 11.83 35.90 0.48
CA TRP B 324 11.33 36.34 -0.81
C TRP B 324 10.07 37.20 -0.61
N THR B 325 10.04 38.39 -1.22
CA THR B 325 8.88 39.30 -1.10
C THR B 325 7.88 38.97 -2.18
N LEU B 326 6.61 39.15 -1.84
CA LEU B 326 5.49 38.82 -2.71
C LEU B 326 4.82 40.10 -3.22
N LYS B 327 5.64 41.10 -3.54
CA LYS B 327 5.18 42.44 -3.86
C LYS B 327 4.11 42.39 -4.95
N GLY B 328 4.48 41.87 -6.11
CA GLY B 328 3.61 41.98 -7.28
C GLY B 328 2.63 40.85 -7.52
N ILE B 329 2.08 40.28 -6.45
CA ILE B 329 1.39 38.99 -6.56
C ILE B 329 0.09 39.11 -7.37
N HIS B 330 -0.65 40.20 -7.17
CA HIS B 330 -2.00 40.31 -7.75
C HIS B 330 -1.99 40.45 -9.29
N ASN B 331 -1.10 41.26 -9.85
CA ASN B 331 -0.97 41.34 -11.32
C ASN B 331 0.05 40.38 -11.95
N PHE B 332 0.77 39.57 -11.17
CA PHE B 332 1.66 38.62 -11.83
C PHE B 332 0.91 37.34 -12.20
N ASN B 344 1.87 25.15 -14.38
CA ASN B 344 2.31 25.66 -15.67
C ASN B 344 2.81 27.13 -15.77
N PRO B 345 2.73 27.97 -14.69
CA PRO B 345 3.36 29.32 -14.85
C PRO B 345 4.91 29.27 -14.93
N ILE B 346 5.46 29.52 -16.13
CA ILE B 346 6.90 29.36 -16.40
C ILE B 346 7.76 30.52 -15.85
N THR B 347 7.13 31.66 -15.54
CA THR B 347 7.85 32.90 -15.29
C THR B 347 7.80 33.28 -13.81
N PRO B 348 8.97 33.39 -13.15
CA PRO B 348 8.99 33.75 -11.73
C PRO B 348 8.44 35.11 -11.40
N LEU B 349 8.25 35.34 -10.11
CA LEU B 349 7.92 36.65 -9.54
C LEU B 349 9.19 37.29 -9.04
N CYS B 350 9.89 36.53 -8.21
CA CYS B 350 11.22 36.88 -7.78
C CYS B 350 12.19 35.99 -8.55
N THR B 351 13.31 36.57 -9.00
CA THR B 351 14.46 35.81 -9.54
C THR B 351 15.65 35.83 -8.56
N GLN B 352 15.67 36.76 -7.61
CA GLN B 352 16.64 36.77 -6.53
C GLN B 352 15.93 37.09 -5.23
N PRO B 353 16.45 36.59 -4.10
CA PRO B 353 15.97 36.91 -2.74
C PRO B 353 15.82 38.38 -2.41
N ASP B 354 15.05 38.66 -1.38
CA ASP B 354 15.10 39.95 -0.73
C ASP B 354 16.30 39.81 0.21
N GLN B 355 16.13 39.31 1.44
CA GLN B 355 17.28 39.05 2.33
C GLN B 355 17.98 37.75 1.96
N VAL B 356 19.15 37.59 2.61
CA VAL B 356 19.83 36.30 2.75
C VAL B 356 20.45 36.18 4.17
N ILE B 357 20.32 34.99 4.77
CA ILE B 357 21.23 34.56 5.82
C ILE B 357 22.18 33.57 5.18
N LYS B 358 23.46 33.75 5.45
CA LYS B 358 24.52 33.00 4.77
C LYS B 358 24.71 31.68 5.47
N GLY B 359 25.15 30.69 4.69
CA GLY B 359 25.37 29.34 5.19
C GLY B 359 26.78 28.83 5.09
N GLY B 360 27.28 28.25 6.18
CA GLY B 360 28.56 27.55 6.18
C GLY B 360 28.46 26.26 5.39
N ALA B 361 29.57 25.85 4.80
CA ALA B 361 29.64 24.63 4.01
C ALA B 361 29.75 23.39 4.89
N SER B 362 29.41 22.25 4.29
CA SER B 362 29.18 21.00 5.02
C SER B 362 30.22 19.99 4.60
N ILE B 363 30.80 19.27 5.56
CA ILE B 363 31.75 18.21 5.23
C ILE B 363 31.00 17.01 4.68
N ILE B 364 31.24 16.70 3.42
CA ILE B 364 30.51 15.64 2.74
C ILE B 364 31.32 14.36 2.53
N GLN B 365 32.59 14.39 2.92
CA GLN B 365 33.51 13.29 2.64
C GLN B 365 34.68 13.28 3.60
N CYS B 366 35.19 12.07 3.80
CA CYS B 366 36.20 11.82 4.77
C CYS B 366 37.03 10.66 4.29
N HIS B 367 38.35 10.82 4.39
CA HIS B 367 39.29 9.72 4.31
C HIS B 367 40.11 9.72 5.56
N ILE B 368 40.07 8.63 6.33
CA ILE B 368 41.12 8.39 7.33
C ILE B 368 42.36 8.01 6.52
N LEU B 369 43.52 8.44 7.01
CA LEU B 369 44.79 8.14 6.34
C LEU B 369 45.44 7.01 7.11
N ASN B 370 46.45 6.42 6.48
CA ASN B 370 46.99 5.12 6.90
C ASN B 370 47.50 5.14 8.35
N ASP B 371 47.95 6.32 8.78
CA ASP B 371 48.37 6.56 10.17
C ASP B 371 47.27 6.63 11.23
N LYS B 372 45.99 6.58 10.82
CA LYS B 372 44.82 6.68 11.73
C LYS B 372 44.97 7.83 12.73
N ARG B 373 45.28 8.98 12.15
CA ARG B 373 45.42 10.23 12.89
C ARG B 373 45.03 11.43 12.02
N HIS B 374 45.52 11.46 10.79
CA HIS B 374 45.17 12.55 9.92
C HIS B 374 43.97 12.14 9.11
N ILE B 375 43.00 13.04 9.10
CA ILE B 375 41.80 12.91 8.31
C ILE B 375 41.93 13.92 7.19
N LEU B 376 41.38 13.58 6.05
CA LEU B 376 41.39 14.45 4.91
C LEU B 376 39.92 14.57 4.44
N THR B 377 39.39 15.80 4.42
CA THR B 377 37.97 16.07 4.15
C THR B 377 37.70 16.87 2.89
N LYS B 378 36.56 16.61 2.25
CA LYS B 378 36.02 17.47 1.20
C LYS B 378 34.74 18.11 1.75
N ASP B 379 34.47 19.37 1.40
CA ASP B 379 33.21 20.01 1.80
C ASP B 379 32.32 20.39 0.61
N THR B 380 31.18 21.02 0.90
CA THR B 380 30.15 21.33 -0.12
C THR B 380 30.62 22.31 -1.20
N ASN B 381 31.69 23.06 -0.93
CA ASN B 381 32.38 23.89 -1.92
C ASN B 381 33.47 23.17 -2.72
N ASN B 382 33.69 21.89 -2.42
CA ASN B 382 34.89 21.17 -2.87
C ASN B 382 36.18 21.74 -2.30
N ASN B 383 36.13 22.30 -1.09
CA ASN B 383 37.34 22.65 -0.35
C ASN B 383 37.89 21.50 0.47
N VAL B 384 39.02 20.96 -0.01
CA VAL B 384 39.68 19.86 0.65
C VAL B 384 40.49 20.40 1.82
N ALA B 385 40.64 19.61 2.88
CA ALA B 385 41.35 20.07 4.05
C ALA B 385 41.87 18.90 4.89
N TYR B 386 42.85 19.21 5.74
CA TYR B 386 43.71 18.21 6.39
C TYR B 386 43.53 18.47 7.87
N TRP B 387 43.22 17.40 8.61
CA TRP B 387 42.81 17.51 10.01
C TRP B 387 43.57 16.50 10.82
N ASP B 388 43.95 16.89 12.02
CA ASP B 388 44.58 16.01 12.98
C ASP B 388 43.44 15.64 13.90
N VAL B 389 43.11 14.36 13.90
CA VAL B 389 42.10 13.82 14.80
C VAL B 389 42.56 13.83 16.25
N LEU B 390 43.77 13.35 16.51
CA LEU B 390 44.26 13.18 17.88
C LEU B 390 44.19 14.50 18.61
N LYS B 391 44.87 15.51 18.07
CA LYS B 391 44.85 16.86 18.65
C LYS B 391 43.53 17.62 18.41
N ALA B 392 42.73 17.13 17.44
CA ALA B 392 41.35 17.58 17.25
C ALA B 392 41.33 18.97 16.62
N CYS B 393 42.01 19.10 15.50
CA CYS B 393 42.27 20.43 14.91
C CYS B 393 42.16 20.32 13.44
N LYS B 394 42.07 21.49 12.83
CA LYS B 394 42.36 21.64 11.43
C LYS B 394 43.88 21.77 11.42
N VAL B 395 44.46 21.60 10.25
CA VAL B 395 45.89 21.83 10.03
C VAL B 395 46.07 22.74 8.81
N GLU B 396 45.55 22.36 7.64
CA GLU B 396 45.62 23.25 6.49
C GLU B 396 44.51 23.11 5.47
N ASP B 397 43.98 24.26 5.02
CA ASP B 397 43.08 24.31 3.87
C ASP B 397 43.87 24.14 2.61
N LEU B 398 43.37 23.32 1.69
CA LEU B 398 44.04 22.99 0.45
C LEU B 398 43.18 23.32 -0.77
N GLY B 399 42.12 24.12 -0.58
CA GLY B 399 41.29 24.63 -1.67
C GLY B 399 40.77 23.62 -2.70
N LYS B 400 40.42 24.12 -3.89
CA LYS B 400 39.70 23.31 -4.91
C LYS B 400 40.64 22.32 -5.62
N VAL B 401 41.27 21.46 -4.80
CA VAL B 401 42.30 20.54 -5.24
C VAL B 401 41.60 19.21 -5.41
N ASP B 402 42.12 18.33 -6.28
CA ASP B 402 41.56 16.98 -6.41
C ASP B 402 41.82 16.19 -5.13
N PHE B 403 40.82 15.40 -4.74
CA PHE B 403 40.74 14.78 -3.42
C PHE B 403 41.43 13.40 -3.41
N GLU B 404 41.12 12.55 -4.40
CA GLU B 404 41.68 11.18 -4.47
C GLU B 404 43.14 11.19 -4.90
N ASP B 405 43.54 12.24 -5.63
CA ASP B 405 44.95 12.52 -5.90
C ASP B 405 45.63 12.94 -4.60
N GLU B 406 45.01 13.82 -3.84
CA GLU B 406 45.56 14.25 -2.54
C GLU B 406 45.64 13.13 -1.53
N ILE B 407 44.77 12.14 -1.63
CA ILE B 407 44.87 10.92 -0.81
C ILE B 407 46.24 10.27 -1.04
N LYS B 408 46.60 10.18 -2.32
CA LYS B 408 47.83 9.54 -2.76
C LYS B 408 49.00 10.37 -2.27
N LYS B 409 49.05 11.63 -2.70
CA LYS B 409 50.07 12.59 -2.25
C LYS B 409 50.37 12.57 -0.73
N ARG B 410 49.42 12.13 0.08
CA ARG B 410 49.65 12.02 1.54
C ARG B 410 49.72 10.58 2.01
N PHE B 411 50.15 9.68 1.12
CA PHE B 411 50.33 8.27 1.48
C PHE B 411 51.53 8.15 2.43
N LYS B 412 51.37 7.32 3.45
CA LYS B 412 52.46 6.99 4.35
C LYS B 412 52.45 5.47 4.52
N MET B 413 53.51 4.82 4.03
CA MET B 413 53.79 3.40 4.29
C MET B 413 53.81 3.24 5.81
N VAL B 414 52.73 2.68 6.33
CA VAL B 414 52.64 2.22 7.72
C VAL B 414 51.26 1.59 7.92
N TYR B 415 51.10 0.78 8.96
CA TYR B 415 49.80 0.29 9.31
C TYR B 415 49.58 0.52 10.80
N VAL B 416 48.54 1.30 11.09
CA VAL B 416 47.94 1.41 12.43
C VAL B 416 46.55 0.78 12.37
N PRO B 417 46.09 0.13 13.46
CA PRO B 417 44.71 -0.40 13.39
C PRO B 417 43.67 0.71 13.62
N ASN B 418 42.39 0.39 13.37
CA ASN B 418 41.30 1.34 13.63
C ASN B 418 41.09 1.52 15.11
N TRP B 419 40.93 2.77 15.51
CA TRP B 419 40.61 3.10 16.91
C TRP B 419 39.46 4.13 17.14
N PHE B 420 39.03 4.83 16.10
CA PHE B 420 37.82 5.66 16.18
C PHE B 420 36.97 5.46 14.94
N SER B 421 35.77 6.04 15.01
CA SER B 421 34.80 6.14 13.89
C SER B 421 34.41 7.59 13.64
N VAL B 422 34.21 7.93 12.38
CA VAL B 422 33.81 9.29 12.00
C VAL B 422 32.33 9.27 11.57
N ASP B 423 31.58 10.34 11.86
CA ASP B 423 30.38 10.59 11.03
C ASP B 423 30.04 12.02 10.77
N LEU B 424 29.37 12.20 9.65
CA LEU B 424 29.19 13.49 9.04
C LEU B 424 27.73 14.00 9.01
N LYS B 425 26.90 13.48 9.91
CA LYS B 425 25.45 13.73 9.83
C LYS B 425 25.12 15.18 10.16
N THR B 426 25.81 15.75 11.14
CA THR B 426 25.73 17.19 11.39
C THR B 426 26.33 18.03 10.26
N GLY B 427 27.11 17.47 9.33
CA GLY B 427 27.95 18.26 8.41
C GLY B 427 29.32 18.73 8.99
N MET B 428 29.40 18.87 10.32
CA MET B 428 30.65 18.92 11.08
C MET B 428 31.25 17.53 11.37
N LEU B 429 32.58 17.46 11.52
CA LEU B 429 33.29 16.25 11.94
C LEU B 429 32.93 15.84 13.35
N THR B 430 32.38 14.63 13.49
CA THR B 430 32.05 14.08 14.79
C THR B 430 32.76 12.72 14.95
N ILE B 431 33.73 12.69 15.85
CA ILE B 431 34.55 11.53 16.09
C ILE B 431 33.88 10.77 17.20
N THR B 432 33.82 9.44 17.09
CA THR B 432 33.34 8.57 18.18
C THR B 432 34.28 7.41 18.56
N LEU B 433 34.39 7.22 19.88
CA LEU B 433 35.28 6.29 20.50
C LEU B 433 34.46 5.27 21.24
N ASP B 434 34.34 4.07 20.69
CA ASP B 434 33.71 2.97 21.40
C ASP B 434 34.73 2.20 22.27
N GLU B 435 34.24 1.57 23.34
CA GLU B 435 35.06 0.71 24.25
C GLU B 435 35.97 -0.31 23.54
N SER B 436 35.43 -0.96 22.50
CA SER B 436 36.10 -2.04 21.77
C SER B 436 37.43 -1.76 21.05
N ASP B 437 37.42 -0.86 20.08
CA ASP B 437 38.64 -0.56 19.34
C ASP B 437 39.38 0.71 19.79
N CYS B 438 38.90 1.40 20.84
CA CYS B 438 39.45 2.71 21.22
C CYS B 438 40.96 2.65 21.50
N PHE B 439 41.37 1.59 22.19
CA PHE B 439 42.74 1.43 22.62
C PHE B 439 43.59 0.55 21.71
N ALA B 440 42.97 -0.22 20.82
CA ALA B 440 43.73 -1.15 19.97
C ALA B 440 44.56 -0.40 18.90
N ALA B 441 45.49 0.45 19.35
CA ALA B 441 46.33 1.25 18.46
C ALA B 441 47.48 1.96 19.20
N TRP B 442 48.62 1.25 19.31
CA TRP B 442 49.82 1.78 19.97
C TRP B 442 50.79 2.33 18.95
N VAL B 443 51.28 3.55 19.17
CA VAL B 443 52.19 4.21 18.24
C VAL B 443 53.33 4.87 19.02
N SER B 444 54.54 4.74 18.48
CA SER B 444 55.74 5.11 19.20
C SER B 444 55.95 6.60 19.10
N ALA B 445 56.13 7.23 20.26
CA ALA B 445 56.15 8.70 20.40
C ALA B 445 56.93 9.48 19.33
N LYS B 446 58.08 8.98 18.88
CA LYS B 446 58.93 9.73 17.94
C LYS B 446 58.21 9.91 16.59
N ASP B 447 57.79 8.82 15.95
CA ASP B 447 57.07 8.94 14.66
C ASP B 447 55.62 9.46 14.83
N ALA B 448 55.06 9.34 16.04
CA ALA B 448 53.82 10.06 16.42
C ALA B 448 53.97 11.59 16.47
N GLY B 449 55.20 12.09 16.61
CA GLY B 449 55.51 13.53 16.55
C GLY B 449 55.76 14.23 17.88
N PHE B 450 56.08 13.46 18.93
CA PHE B 450 56.34 14.01 20.26
C PHE B 450 57.80 13.73 20.67
N SER B 451 58.59 14.79 20.72
CA SER B 451 60.01 14.69 21.08
C SER B 451 60.20 14.61 22.58
N SER B 452 61.44 14.40 22.99
CA SER B 452 61.88 14.53 24.38
C SER B 452 63.39 14.76 24.36
N PRO B 453 63.95 15.46 25.37
CA PRO B 453 65.42 15.47 25.52
C PRO B 453 66.03 14.09 25.86
N ASP B 454 65.20 13.20 26.41
CA ASP B 454 65.58 11.80 26.65
C ASP B 454 65.76 11.01 25.34
N GLY B 455 64.87 11.25 24.38
CA GLY B 455 64.61 10.32 23.30
C GLY B 455 63.87 9.12 23.87
N SER B 456 62.93 9.38 24.78
CA SER B 456 62.23 8.31 25.54
C SER B 456 61.57 7.33 24.59
N ASP B 457 60.67 7.87 23.76
CA ASP B 457 60.05 7.13 22.65
C ASP B 457 59.29 5.84 23.06
N PRO B 458 58.37 5.92 24.07
CA PRO B 458 57.58 4.70 24.36
C PRO B 458 56.42 4.50 23.37
N LYS B 459 55.90 3.27 23.33
CA LYS B 459 54.70 3.00 22.57
C LYS B 459 53.52 3.60 23.37
N LEU B 460 53.01 4.73 22.88
CA LEU B 460 51.86 5.44 23.47
C LEU B 460 50.56 4.91 22.87
N ASN B 461 49.48 4.96 23.64
CA ASN B 461 48.15 4.57 23.16
C ASN B 461 47.30 5.78 22.73
N LEU B 462 47.04 5.92 21.43
CA LEU B 462 46.44 7.15 20.87
C LEU B 462 45.06 7.41 21.43
N GLY B 463 44.23 6.36 21.50
CA GLY B 463 42.90 6.45 22.10
C GLY B 463 42.92 6.89 23.56
N GLY B 464 43.77 6.25 24.35
CA GLY B 464 43.94 6.62 25.75
C GLY B 464 44.56 7.99 25.95
N LEU B 465 45.50 8.34 25.06
CA LEU B 465 46.11 9.68 25.07
C LEU B 465 45.05 10.77 24.79
N LEU B 466 44.04 10.40 23.97
CA LEU B 466 42.88 11.24 23.66
C LEU B 466 41.91 11.39 24.83
N LEU B 467 41.49 10.29 25.45
CA LEU B 467 40.54 10.36 26.56
C LEU B 467 40.93 11.38 27.66
N GLN B 468 42.20 11.45 28.03
CA GLN B 468 42.60 12.34 29.14
C GLN B 468 42.82 13.80 28.69
N ALA B 469 43.16 14.04 27.42
CA ALA B 469 43.12 15.42 26.88
C ALA B 469 41.70 16.00 26.85
N LEU B 470 40.69 15.14 26.63
CA LEU B 470 39.24 15.49 26.68
C LEU B 470 38.75 15.82 28.08
N LEU B 471 39.06 14.94 29.04
CA LEU B 471 38.73 15.20 30.46
C LEU B 471 39.91 15.86 31.21
N GLU B 472 40.70 16.66 30.48
CA GLU B 472 41.90 17.34 31.00
C GLU B 472 41.63 18.35 32.13
N TYR B 473 40.42 18.91 32.16
CA TYR B 473 40.01 19.90 33.18
C TYR B 473 39.29 19.25 34.38
N TRP B 474 38.94 17.97 34.26
CA TRP B 474 38.16 17.28 35.28
C TRP B 474 39.03 16.93 36.52
N PRO B 475 38.73 17.53 37.72
CA PRO B 475 39.45 17.25 38.97
C PRO B 475 39.75 15.81 39.28
N ARG B 476 38.81 14.89 39.03
CA ARG B 476 39.05 13.46 39.34
C ARG B 476 40.24 12.85 38.55
N THR B 477 40.76 13.57 37.54
CA THR B 477 42.00 13.20 36.85
C THR B 477 43.13 14.25 37.04
N HIS B 478 43.33 14.66 38.29
CA HIS B 478 44.30 15.71 38.65
C HIS B 478 45.28 15.24 39.73
N GLU B 497 50.95 13.10 45.04
CA GLU B 497 50.81 14.38 44.35
C GLU B 497 52.02 15.30 44.58
N ASN B 498 52.41 16.01 43.52
CA ASN B 498 53.45 17.05 43.56
C ASN B 498 53.03 18.16 42.59
N GLN B 501 48.79 15.83 38.39
CA GLN B 501 49.07 16.55 37.13
C GLN B 501 47.81 16.67 36.24
N LYS B 502 47.84 17.66 35.34
CA LYS B 502 46.69 18.03 34.48
C LYS B 502 46.96 17.68 33.01
N GLY B 503 46.22 16.68 32.51
CA GLY B 503 46.36 16.23 31.11
C GLY B 503 47.10 14.91 30.94
N ASN B 504 47.49 14.62 29.70
CA ASN B 504 48.32 13.44 29.36
C ASN B 504 49.70 13.89 28.83
N GLY B 505 50.03 15.19 28.97
CA GLY B 505 51.37 15.68 28.67
C GLY B 505 51.60 16.18 27.24
N TYR B 506 51.37 15.30 26.27
CA TYR B 506 51.93 15.51 24.93
C TYR B 506 51.14 16.53 24.11
N PHE B 507 49.85 16.71 24.42
CA PHE B 507 48.94 17.59 23.65
C PHE B 507 47.66 17.97 24.41
N GLN B 508 47.09 19.11 24.04
CA GLN B 508 45.78 19.55 24.52
C GLN B 508 44.82 19.66 23.34
N VAL B 509 43.60 19.15 23.46
CA VAL B 509 42.54 19.46 22.46
C VAL B 509 42.03 20.88 22.70
N PRO B 510 41.35 21.49 21.69
CA PRO B 510 40.85 22.84 21.95
C PRO B 510 39.81 22.86 23.08
N PRO B 511 39.86 23.90 23.94
CA PRO B 511 39.07 23.92 25.20
C PRO B 511 37.55 24.01 24.95
N HIS B 512 37.18 24.55 23.79
CA HIS B 512 35.81 24.61 23.34
C HIS B 512 35.24 23.30 22.78
N THR B 513 36.11 22.34 22.46
CA THR B 513 35.66 21.08 21.89
C THR B 513 34.61 20.46 22.82
N PRO B 514 33.40 20.17 22.29
CA PRO B 514 32.36 19.50 23.05
C PRO B 514 32.52 17.97 23.10
N VAL B 515 32.36 17.44 24.30
CA VAL B 515 32.49 16.02 24.55
C VAL B 515 31.09 15.50 24.81
N ILE B 516 30.75 14.34 24.22
CA ILE B 516 29.40 13.75 24.30
C ILE B 516 29.49 12.28 24.72
N PHE B 517 28.94 11.97 25.89
CA PHE B 517 28.76 10.58 26.31
C PHE B 517 27.39 10.08 25.87
N GLY B 518 27.35 9.27 24.81
CA GLY B 518 26.11 8.68 24.30
C GLY B 518 25.94 7.21 24.62
N GLU B 519 24.96 6.57 23.99
CA GLU B 519 24.69 5.14 24.12
C GLU B 519 24.63 4.51 22.72
N ALA B 520 24.99 3.23 22.63
CA ALA B 520 25.20 2.51 21.37
C ALA B 520 24.40 3.01 20.14
N GLY B 521 23.08 2.82 20.17
CA GLY B 521 22.19 3.35 19.13
C GLY B 521 21.12 4.11 19.89
N GLY B 522 21.57 4.76 20.96
CA GLY B 522 20.72 5.15 22.08
C GLY B 522 20.71 6.64 22.41
N ARG B 523 20.24 6.93 23.61
CA ARG B 523 20.01 8.29 24.03
C ARG B 523 21.30 8.99 24.36
N THR B 524 21.45 10.20 23.85
CA THR B 524 22.46 11.10 24.34
C THR B 524 22.26 11.28 25.88
N LEU B 525 23.35 11.13 26.62
CA LEU B 525 23.32 10.85 28.06
C LEU B 525 23.90 11.99 28.89
N PHE B 526 24.93 12.66 28.39
CA PHE B 526 25.41 13.91 29.01
C PHE B 526 26.35 14.59 28.01
N ARG B 527 26.40 15.91 28.11
CA ARG B 527 27.11 16.71 27.13
C ARG B 527 27.71 17.93 27.82
N LEU B 528 28.95 18.25 27.44
CA LEU B 528 29.62 19.45 27.94
C LEU B 528 30.72 19.86 27.01
N LEU B 529 31.37 20.97 27.39
CA LEU B 529 32.57 21.42 26.72
C LEU B 529 33.83 20.97 27.52
N CYS B 530 34.96 20.90 26.81
CA CYS B 530 36.20 20.37 27.36
C CYS B 530 36.61 21.12 28.61
N ARG B 531 36.57 22.45 28.51
CA ARG B 531 36.97 23.35 29.60
C ARG B 531 36.01 23.39 30.79
N ASP B 532 34.73 23.10 30.53
CA ASP B 532 33.71 23.13 31.57
C ASP B 532 33.81 21.98 32.56
N SER B 533 34.67 20.98 32.30
CA SER B 533 34.78 19.75 33.13
C SER B 533 34.91 20.02 34.66
N GLY B 534 35.59 21.12 35.00
CA GLY B 534 35.86 21.50 36.37
C GLY B 534 34.70 22.10 37.18
N GLY B 535 33.60 22.43 36.51
CA GLY B 535 32.40 22.95 37.18
C GLY B 535 31.81 21.98 38.20
N GLU B 536 31.15 22.54 39.22
CA GLU B 536 30.66 21.79 40.40
C GLU B 536 29.58 20.77 40.06
N THR B 537 28.55 21.20 39.33
CA THR B 537 27.46 20.31 38.91
C THR B 537 27.93 19.30 37.85
N GLU B 538 29.04 19.62 37.20
CA GLU B 538 29.54 18.92 36.01
C GLU B 538 30.44 17.77 36.38
N SER B 539 31.24 17.94 37.43
CA SER B 539 31.98 16.83 38.05
C SER B 539 31.08 15.76 38.68
N MET B 540 29.92 16.18 39.21
CA MET B 540 28.90 15.26 39.73
C MET B 540 28.27 14.43 38.62
N LEU B 541 28.05 15.06 37.47
CA LEU B 541 27.49 14.35 36.32
C LEU B 541 28.52 13.39 35.69
N LEU B 542 29.77 13.87 35.55
CA LEU B 542 30.88 13.03 35.09
C LEU B 542 31.14 11.78 35.98
N ASN B 543 30.91 11.88 37.29
CA ASN B 543 30.96 10.68 38.16
C ASN B 543 29.92 9.62 37.81
N GLU B 544 28.67 10.05 37.67
CA GLU B 544 27.56 9.12 37.39
C GLU B 544 27.36 8.76 35.92
N THR B 545 28.04 9.44 34.99
CA THR B 545 27.86 9.15 33.54
C THR B 545 29.09 8.58 32.79
N VAL B 546 30.30 8.95 33.23
CA VAL B 546 31.55 8.45 32.60
C VAL B 546 31.70 6.96 32.94
N PRO B 547 31.81 6.10 31.90
CA PRO B 547 31.77 4.66 32.16
C PRO B 547 33.08 4.17 32.78
N GLN B 548 33.08 2.95 33.34
CA GLN B 548 34.27 2.42 34.00
C GLN B 548 35.49 2.41 33.08
N TRP B 549 35.27 2.03 31.82
CA TRP B 549 36.36 1.90 30.87
C TRP B 549 37.16 3.17 30.56
N VAL B 550 36.56 4.34 30.77
CA VAL B 550 37.25 5.62 30.62
C VAL B 550 37.82 6.08 31.97
N ILE B 551 37.15 5.73 33.07
CA ILE B 551 37.71 5.92 34.40
C ILE B 551 39.10 5.25 34.42
N ASP B 552 39.12 3.97 34.03
CA ASP B 552 40.34 3.16 33.88
C ASP B 552 41.63 3.86 33.40
N ILE B 553 41.58 4.64 32.32
CA ILE B 553 42.79 5.29 31.78
C ILE B 553 42.84 6.83 31.96
N THR B 554 41.79 7.42 32.55
CA THR B 554 41.81 8.85 32.87
C THR B 554 42.02 9.08 34.37
N VAL B 555 41.34 8.31 35.19
CA VAL B 555 41.56 8.32 36.65
C VAL B 555 42.70 7.35 36.99
N ASP B 556 42.45 6.06 36.83
CA ASP B 556 43.33 5.01 37.37
C ASP B 556 44.68 4.83 36.63
N LYS B 557 44.72 5.08 35.31
CA LYS B 557 45.91 4.90 34.42
C LYS B 557 46.28 3.44 34.03
N ASN B 558 45.30 2.52 34.06
CA ASN B 558 45.54 1.05 33.95
C ASN B 558 46.06 0.50 32.58
N MET B 559 45.63 1.05 31.43
CA MET B 559 45.89 0.40 30.12
C MET B 559 47.35 0.43 29.72
N MET C 1 -0.42 -46.56 21.83
CA MET C 1 -0.79 -45.74 23.03
C MET C 1 -1.46 -44.40 22.60
N ALA C 2 -1.50 -43.43 23.52
CA ALA C 2 -2.00 -42.07 23.23
C ALA C 2 -1.22 -41.39 22.12
N THR C 3 -1.78 -40.30 21.61
CA THR C 3 -1.03 -39.29 20.88
C THR C 3 -1.25 -37.92 21.56
N GLU C 4 -0.43 -36.96 21.16
CA GLU C 4 -0.54 -35.58 21.61
C GLU C 4 -1.11 -34.71 20.48
N GLY C 5 -2.04 -33.82 20.81
CA GLY C 5 -2.50 -32.80 19.86
C GLY C 5 -1.44 -31.73 19.63
N GLY C 6 -0.74 -31.79 18.49
CA GLY C 6 0.11 -30.69 18.02
C GLY C 6 -0.76 -29.50 17.60
N GLY C 7 -0.17 -28.30 17.61
CA GLY C 7 -0.89 -27.09 17.23
C GLY C 7 -0.47 -25.91 18.08
N ASN C 11 -7.40 -17.92 12.25
CA ASN C 11 -7.91 -16.63 11.83
C ASN C 11 -9.46 -16.52 11.88
N GLU C 12 -9.96 -15.43 12.47
CA GLU C 12 -11.40 -15.28 12.82
C GLU C 12 -12.13 -14.11 12.11
N ILE C 13 -13.45 -14.30 11.97
CA ILE C 13 -14.37 -13.33 11.38
C ILE C 13 -14.82 -12.26 12.37
N LYS C 14 -15.11 -11.08 11.83
CA LYS C 14 -15.42 -9.90 12.61
C LYS C 14 -16.90 -9.83 12.80
N THR C 15 -17.31 -9.32 13.94
CA THR C 15 -18.71 -9.32 14.31
C THR C 15 -19.26 -7.91 14.53
N GLN C 16 -18.52 -6.92 14.07
CA GLN C 16 -18.96 -5.53 14.18
C GLN C 16 -18.05 -4.61 13.44
N PHE C 17 -18.60 -3.50 12.97
CA PHE C 17 -17.78 -2.43 12.42
C PHE C 17 -18.35 -1.09 12.79
N THR C 18 -17.52 -0.06 12.77
CA THR C 18 -18.06 1.29 12.90
C THR C 18 -17.80 2.14 11.66
N THR C 19 -18.71 3.09 11.52
CA THR C 19 -18.83 3.99 10.41
C THR C 19 -19.33 5.23 11.10
N ARG C 20 -19.26 6.38 10.44
CA ARG C 20 -19.69 7.62 11.07
C ARG C 20 -21.07 7.56 11.78
N GLU C 21 -22.01 6.82 11.17
CA GLU C 21 -23.35 6.56 11.73
C GLU C 21 -23.33 5.94 13.13
N GLY C 22 -22.35 5.10 13.38
CA GLY C 22 -22.24 4.41 14.67
C GLY C 22 -21.77 2.98 14.51
N LEU C 23 -21.99 2.19 15.55
CA LEU C 23 -21.54 0.77 15.53
C LEU C 23 -22.60 -0.17 14.94
N TYR C 24 -22.27 -0.80 13.83
CA TYR C 24 -23.07 -1.88 13.27
C TYR C 24 -22.65 -3.16 14.02
N LYS C 25 -23.61 -3.98 14.45
CA LYS C 25 -23.33 -5.22 15.18
C LYS C 25 -23.99 -6.45 14.52
N LEU C 26 -23.20 -7.46 14.14
CA LEU C 26 -23.77 -8.78 13.78
C LEU C 26 -24.57 -9.30 14.97
N LEU C 27 -25.79 -9.76 14.69
CA LEU C 27 -26.73 -10.30 15.67
C LEU C 27 -26.97 -11.77 15.32
N PRO C 28 -26.19 -12.67 15.93
CA PRO C 28 -26.34 -14.05 15.47
C PRO C 28 -27.65 -14.75 15.90
N HIS C 29 -28.36 -14.19 16.88
CA HIS C 29 -29.69 -14.67 17.22
C HIS C 29 -30.75 -14.37 16.19
N SER C 30 -30.40 -13.69 15.12
CA SER C 30 -31.29 -13.45 14.05
C SER C 30 -30.80 -14.20 12.80
N GLU C 31 -29.96 -15.22 13.00
CA GLU C 31 -29.28 -15.90 11.88
C GLU C 31 -30.23 -16.91 11.22
N TYR C 32 -29.99 -17.19 9.94
CA TYR C 32 -30.77 -18.18 9.23
C TYR C 32 -29.88 -19.18 8.53
N SER C 33 -30.28 -20.43 8.48
CA SER C 33 -29.50 -21.44 7.79
C SER C 33 -30.33 -22.67 7.76
N ARG C 34 -29.80 -23.79 7.25
CA ARG C 34 -30.54 -25.06 7.26
C ARG C 34 -30.88 -25.27 8.68
N PRO C 35 -31.88 -26.06 8.98
CA PRO C 35 -32.17 -26.19 10.44
C PRO C 35 -31.16 -27.03 11.26
N ASN C 36 -30.43 -27.92 10.58
CA ASN C 36 -29.33 -28.68 11.21
C ASN C 36 -28.12 -27.81 11.62
N ARG C 37 -28.04 -26.62 11.02
CA ARG C 37 -26.95 -25.65 11.23
C ARG C 37 -25.59 -26.12 10.79
N VAL C 38 -25.53 -27.23 10.07
CA VAL C 38 -24.25 -27.77 9.72
C VAL C 38 -23.75 -26.93 8.53
N PRO C 39 -22.50 -26.48 8.57
CA PRO C 39 -22.03 -25.71 7.43
C PRO C 39 -22.12 -26.46 6.14
N PHE C 40 -22.69 -25.83 5.12
CA PHE C 40 -22.77 -26.40 3.79
C PHE C 40 -21.37 -26.61 3.30
N ASN C 41 -21.09 -27.80 2.75
CA ASN C 41 -19.84 -28.01 2.05
C ASN C 41 -19.92 -27.40 0.66
N SER C 42 -19.61 -26.10 0.65
CA SER C 42 -19.34 -25.34 -0.55
C SER C 42 -18.61 -26.42 -1.35
N GLN C 43 -19.17 -26.71 -2.53
CA GLN C 43 -18.58 -27.65 -3.46
C GLN C 43 -17.84 -26.94 -4.61
N GLY C 44 -18.04 -25.63 -4.76
CA GLY C 44 -17.69 -24.90 -5.98
C GLY C 44 -18.89 -24.81 -6.90
N SER C 45 -19.93 -25.62 -6.62
CA SER C 45 -21.00 -25.92 -7.56
C SER C 45 -21.82 -24.68 -7.93
N ASN C 46 -22.66 -24.19 -7.02
CA ASN C 46 -23.45 -22.99 -7.31
C ASN C 46 -23.99 -22.24 -6.07
N PRO C 47 -24.07 -20.90 -6.16
CA PRO C 47 -24.20 -19.96 -5.04
C PRO C 47 -25.47 -19.96 -4.20
N VAL C 48 -25.28 -19.90 -2.88
CA VAL C 48 -26.39 -19.66 -1.97
C VAL C 48 -26.85 -18.25 -2.25
N ARG C 49 -28.16 -18.04 -2.28
CA ARG C 49 -28.76 -16.76 -2.63
C ARG C 49 -29.94 -16.49 -1.72
N VAL C 50 -30.27 -15.22 -1.54
CA VAL C 50 -31.37 -14.83 -0.66
C VAL C 50 -32.31 -13.87 -1.38
N SER C 51 -33.61 -13.98 -1.05
CA SER C 51 -34.69 -13.18 -1.63
C SER C 51 -35.76 -12.84 -0.57
N PHE C 52 -36.08 -11.56 -0.50
CA PHE C 52 -37.08 -11.08 0.45
C PHE C 52 -38.35 -10.63 -0.29
N VAL C 53 -39.41 -10.44 0.51
CA VAL C 53 -40.68 -9.92 0.08
C VAL C 53 -41.51 -9.61 1.30
N ASN C 54 -42.39 -8.62 1.17
CA ASN C 54 -43.37 -8.29 2.20
C ASN C 54 -44.77 -8.60 1.70
N LEU C 55 -45.49 -9.19 2.55
CA LEU C 55 -46.86 -9.66 2.21
C LEU C 55 -47.94 -8.65 2.62
N ASN C 56 -47.56 -7.37 2.59
CA ASN C 56 -48.43 -6.28 2.97
C ASN C 56 -48.39 -6.03 4.46
N ASP C 57 -47.45 -6.67 5.15
CA ASP C 57 -47.29 -6.55 6.61
C ASP C 57 -48.66 -6.65 7.24
N GLN C 58 -49.30 -7.79 7.02
CA GLN C 58 -50.70 -8.02 7.49
C GLN C 58 -50.74 -8.22 9.00
N SER C 59 -49.85 -8.96 9.59
CA SER C 59 -49.60 -9.05 11.02
C SER C 59 -48.73 -7.90 11.61
N GLY C 60 -47.73 -7.44 10.83
CA GLY C 60 -46.59 -6.63 11.34
C GLY C 60 -45.33 -7.48 11.11
N ASN C 61 -45.52 -8.81 11.23
CA ASN C 61 -44.63 -9.88 10.77
C ASN C 61 -44.93 -10.27 9.32
N GLY C 62 -44.67 -9.38 8.37
CA GLY C 62 -45.00 -9.62 6.97
C GLY C 62 -43.84 -9.89 6.05
N ASP C 63 -42.64 -9.93 6.61
CA ASP C 63 -41.48 -10.09 5.77
C ASP C 63 -41.15 -11.55 5.73
N ARG C 64 -40.73 -12.03 4.57
CA ARG C 64 -40.47 -13.43 4.37
C ARG C 64 -39.19 -13.59 3.56
N LEU C 65 -38.56 -14.72 3.80
CA LEU C 65 -37.21 -14.98 3.37
C LEU C 65 -37.21 -16.28 2.61
N CYS C 66 -36.39 -16.35 1.57
CA CYS C 66 -36.19 -17.60 0.86
C CYS C 66 -34.71 -17.73 0.49
N PHE C 67 -34.11 -18.90 0.77
CA PHE C 67 -32.73 -19.16 0.36
C PHE C 67 -32.51 -20.58 -0.15
N ASN C 68 -31.40 -20.79 -0.83
CA ASN C 68 -31.07 -22.09 -1.37
C ASN C 68 -29.68 -22.57 -0.94
N VAL C 69 -29.53 -23.89 -0.80
CA VAL C 69 -28.31 -24.58 -0.37
C VAL C 69 -28.18 -25.84 -1.22
N GLY C 70 -27.38 -25.79 -2.27
CA GLY C 70 -27.38 -26.89 -3.25
C GLY C 70 -28.77 -27.48 -3.53
N ARG C 71 -28.99 -28.74 -3.13
CA ARG C 71 -30.28 -29.43 -3.35
C ARG C 71 -31.53 -28.86 -2.61
N GLU C 72 -31.37 -28.06 -1.55
CA GLU C 72 -32.53 -27.61 -0.76
C GLU C 72 -32.95 -26.15 -0.98
N LEU C 73 -34.16 -25.82 -0.55
CA LEU C 73 -34.74 -24.47 -0.71
C LEU C 73 -35.80 -24.18 0.34
N TYR C 74 -35.57 -23.15 1.14
CA TYR C 74 -36.37 -22.91 2.33
C TYR C 74 -37.14 -21.61 2.19
N PHE C 75 -38.09 -21.41 3.09
CA PHE C 75 -38.97 -20.27 3.05
C PHE C 75 -39.53 -20.04 4.45
N TYR C 76 -39.16 -18.94 5.10
CA TYR C 76 -39.51 -18.71 6.54
C TYR C 76 -40.02 -17.31 6.73
N ILE C 77 -40.58 -17.08 7.93
CA ILE C 77 -40.85 -15.72 8.42
C ILE C 77 -39.55 -15.05 8.84
N TYR C 78 -39.19 -13.93 8.18
CA TYR C 78 -37.95 -13.16 8.53
C TYR C 78 -38.22 -12.07 9.57
N LYS C 79 -37.70 -12.25 10.78
CA LYS C 79 -37.92 -11.32 11.92
C LYS C 79 -36.81 -10.23 12.14
N GLY C 80 -35.99 -9.95 11.12
CA GLY C 80 -35.02 -8.85 11.18
C GLY C 80 -34.06 -8.92 12.36
N VAL C 81 -34.07 -7.90 13.20
CA VAL C 81 -33.12 -7.85 14.33
C VAL C 81 -33.74 -8.46 15.55
N ARG C 82 -34.93 -9.01 15.41
CA ARG C 82 -35.51 -9.83 16.45
C ARG C 82 -35.07 -11.33 16.26
N LYS C 83 -35.28 -12.12 17.33
CA LYS C 83 -34.91 -13.55 17.34
C LYS C 83 -35.48 -14.21 16.15
N ALA C 84 -34.65 -14.90 15.37
CA ALA C 84 -35.16 -15.48 14.13
C ALA C 84 -36.29 -16.43 14.43
N ALA C 85 -37.13 -16.59 13.42
CA ALA C 85 -38.18 -17.57 13.47
C ALA C 85 -37.55 -18.94 13.65
N ASP C 86 -38.22 -19.78 14.46
CA ASP C 86 -37.83 -21.18 14.70
C ASP C 86 -37.41 -21.89 13.38
N LEU C 87 -36.13 -22.21 13.31
CA LEU C 87 -35.53 -22.74 12.11
C LEU C 87 -36.00 -24.16 11.81
N SER C 88 -36.47 -24.89 12.83
CA SER C 88 -36.90 -26.31 12.68
C SER C 88 -38.27 -26.49 11.99
N LYS C 89 -39.05 -25.41 11.97
CA LYS C 89 -40.41 -25.36 11.44
C LYS C 89 -40.56 -24.33 10.31
N PRO C 90 -40.11 -24.71 9.09
CA PRO C 90 -40.34 -23.87 7.94
C PRO C 90 -41.80 -23.60 7.62
N ILE C 91 -42.00 -22.77 6.61
CA ILE C 91 -43.29 -22.58 5.96
C ILE C 91 -43.26 -23.39 4.67
N ASP C 92 -42.07 -23.68 4.13
CA ASP C 92 -41.96 -24.58 2.99
C ASP C 92 -40.51 -25.00 2.73
N LYS C 93 -40.33 -26.25 2.34
CA LYS C 93 -39.02 -26.80 2.04
C LYS C 93 -39.10 -27.41 0.65
N ARG C 94 -37.98 -27.72 0.02
CA ARG C 94 -37.98 -28.29 -1.31
C ARG C 94 -36.68 -28.99 -1.52
N ILE C 95 -36.73 -30.15 -2.15
CA ILE C 95 -35.54 -30.95 -2.36
C ILE C 95 -35.49 -31.32 -3.83
N TYR C 96 -34.42 -30.92 -4.50
CA TYR C 96 -34.32 -30.96 -5.94
C TYR C 96 -33.25 -31.98 -6.25
N LYS C 97 -33.63 -33.24 -6.12
CA LYS C 97 -32.70 -34.36 -6.36
C LYS C 97 -32.12 -34.35 -7.79
N GLY C 98 -32.84 -33.73 -8.73
CA GLY C 98 -32.33 -33.50 -10.09
C GLY C 98 -31.30 -32.40 -10.14
N THR C 99 -31.43 -31.49 -11.12
CA THR C 99 -30.62 -30.27 -11.18
C THR C 99 -31.02 -29.33 -10.06
N GLN C 100 -30.06 -28.51 -9.62
CA GLN C 100 -30.18 -27.70 -8.39
C GLN C 100 -30.50 -26.23 -8.66
N PRO C 101 -31.15 -25.55 -7.70
CA PRO C 101 -31.35 -24.10 -7.77
C PRO C 101 -30.05 -23.31 -7.93
N THR C 102 -30.21 -22.07 -8.34
CA THR C 102 -29.09 -21.26 -8.77
C THR C 102 -29.34 -19.77 -8.49
N CYS C 103 -30.60 -19.35 -8.57
CA CYS C 103 -31.01 -17.97 -8.34
C CYS C 103 -32.50 -17.97 -8.21
N HIS C 104 -33.07 -16.87 -7.76
CA HIS C 104 -34.52 -16.75 -7.64
C HIS C 104 -35.00 -15.34 -7.36
N ASP C 105 -36.32 -15.15 -7.38
CA ASP C 105 -36.95 -13.82 -7.23
C ASP C 105 -38.44 -13.91 -6.90
N PHE C 106 -38.89 -13.15 -5.93
CA PHE C 106 -40.31 -12.97 -5.63
C PHE C 106 -40.94 -11.89 -6.51
N ASN C 107 -42.21 -12.07 -6.87
CA ASN C 107 -43.02 -10.99 -7.42
C ASN C 107 -43.64 -10.18 -6.29
N HIS C 108 -43.22 -8.91 -6.21
CA HIS C 108 -43.56 -8.01 -5.10
C HIS C 108 -44.94 -7.46 -5.17
N LEU C 109 -45.57 -7.68 -6.32
CA LEU C 109 -46.76 -7.00 -6.74
C LEU C 109 -47.99 -7.85 -6.46
N THR C 110 -47.95 -9.09 -6.93
CA THR C 110 -48.95 -10.11 -6.64
C THR C 110 -48.43 -10.85 -5.41
N ALA C 111 -48.71 -10.30 -4.23
CA ALA C 111 -48.06 -10.80 -3.01
C ALA C 111 -48.89 -10.51 -1.80
N THR C 112 -49.35 -11.56 -1.14
CA THR C 112 -50.28 -11.41 -0.05
C THR C 112 -50.29 -12.61 0.89
N ALA C 113 -50.94 -12.41 2.02
CA ALA C 113 -51.03 -13.45 3.05
C ALA C 113 -51.40 -14.86 2.54
N GLU C 114 -52.10 -14.96 1.40
CA GLU C 114 -52.61 -16.22 0.86
C GLU C 114 -51.85 -16.75 -0.36
N SER C 115 -51.30 -15.85 -1.18
CA SER C 115 -50.46 -16.25 -2.34
C SER C 115 -49.16 -15.42 -2.37
N VAL C 116 -48.07 -16.06 -2.81
CA VAL C 116 -46.83 -15.37 -3.19
C VAL C 116 -46.19 -16.06 -4.36
N SER C 117 -46.07 -15.38 -5.49
CA SER C 117 -45.39 -15.96 -6.66
C SER C 117 -43.88 -15.81 -6.53
N LEU C 118 -43.14 -16.92 -6.59
CA LEU C 118 -41.68 -16.92 -6.53
C LEU C 118 -41.20 -17.78 -7.65
N LEU C 119 -40.29 -17.28 -8.45
CA LEU C 119 -39.74 -18.11 -9.51
C LEU C 119 -38.27 -18.44 -9.25
N VAL C 120 -37.87 -19.65 -9.67
CA VAL C 120 -36.61 -20.23 -9.26
C VAL C 120 -35.86 -20.75 -10.47
N GLY C 121 -34.65 -20.25 -10.67
CA GLY C 121 -33.76 -20.72 -11.70
C GLY C 121 -33.05 -21.99 -11.27
N PHE C 122 -32.45 -22.72 -12.23
CA PHE C 122 -31.71 -23.96 -11.96
C PHE C 122 -30.46 -24.10 -12.82
N SER C 123 -29.60 -25.06 -12.45
CA SER C 123 -28.31 -25.27 -13.13
C SER C 123 -28.44 -26.03 -14.46
N ALA C 124 -29.62 -26.59 -14.71
CA ALA C 124 -29.98 -27.16 -16.01
C ALA C 124 -30.39 -26.12 -17.06
N GLY C 125 -31.05 -25.05 -16.62
CA GLY C 125 -31.70 -24.08 -17.53
C GLY C 125 -33.17 -23.86 -17.19
N GLN C 126 -33.72 -24.70 -16.33
CA GLN C 126 -35.13 -24.64 -16.02
C GLN C 126 -35.46 -23.44 -15.16
N VAL C 127 -36.74 -23.10 -15.11
CA VAL C 127 -37.23 -22.08 -14.20
C VAL C 127 -38.59 -22.50 -13.68
N GLN C 128 -38.72 -22.61 -12.37
CA GLN C 128 -39.95 -23.13 -11.80
C GLN C 128 -40.75 -21.96 -11.25
N LEU C 129 -42.03 -22.16 -10.92
CA LEU C 129 -42.86 -21.08 -10.35
C LEU C 129 -43.70 -21.57 -9.19
N ILE C 130 -43.17 -21.44 -7.99
CA ILE C 130 -43.80 -21.96 -6.77
C ILE C 130 -44.68 -20.88 -6.17
N ASP C 131 -45.57 -21.28 -5.26
CA ASP C 131 -46.26 -20.35 -4.35
C ASP C 131 -46.15 -20.98 -2.96
N PRO C 132 -45.07 -20.66 -2.23
CA PRO C 132 -44.69 -21.52 -1.14
C PRO C 132 -45.47 -21.29 0.14
N ILE C 133 -46.55 -20.53 0.11
CA ILE C 133 -47.44 -20.49 1.29
C ILE C 133 -48.57 -21.52 1.18
N LYS C 134 -49.17 -21.64 0.00
CA LYS C 134 -50.15 -22.69 -0.27
C LYS C 134 -49.54 -23.97 -0.88
N LYS C 135 -48.29 -23.91 -1.34
CA LYS C 135 -47.55 -25.05 -1.97
C LYS C 135 -48.10 -25.50 -3.34
N GLU C 136 -49.26 -24.97 -3.69
CA GLU C 136 -50.25 -25.63 -4.54
C GLU C 136 -49.76 -25.72 -5.99
N THR C 137 -49.59 -24.55 -6.60
CA THR C 137 -49.25 -24.45 -8.01
C THR C 137 -47.83 -24.96 -8.35
N SER C 138 -47.53 -24.93 -9.64
CA SER C 138 -46.17 -25.00 -10.19
C SER C 138 -46.21 -24.54 -11.68
N LYS C 139 -45.08 -24.61 -12.40
CA LYS C 139 -45.09 -24.25 -13.84
C LYS C 139 -44.01 -24.94 -14.67
N LEU C 140 -42.75 -24.86 -14.26
CA LEU C 140 -41.65 -25.58 -14.94
C LEU C 140 -41.42 -25.09 -16.41
N PHE C 141 -41.16 -23.81 -16.56
CA PHE C 141 -40.76 -23.20 -17.84
C PHE C 141 -39.40 -23.74 -18.30
N ASN C 142 -39.25 -23.94 -19.61
CA ASN C 142 -38.09 -24.60 -20.20
C ASN C 142 -37.74 -25.96 -19.58
N GLU C 143 -38.76 -26.70 -19.12
CA GLU C 143 -38.57 -28.05 -18.53
C GLU C 143 -37.87 -28.98 -19.51
N GLU C 144 -38.19 -28.81 -20.79
CA GLU C 144 -37.64 -29.62 -21.87
C GLU C 144 -36.21 -29.24 -22.27
N ARG C 145 -35.65 -28.16 -21.73
CA ARG C 145 -34.27 -27.76 -22.04
C ARG C 145 -34.07 -27.42 -23.52
N LEU C 146 -35.14 -26.99 -24.20
CA LEU C 146 -35.11 -26.79 -25.65
C LEU C 146 -34.78 -25.35 -26.05
N ILE C 147 -35.08 -24.40 -25.17
CA ILE C 147 -34.77 -22.97 -25.38
C ILE C 147 -33.27 -22.72 -25.13
N ASP C 148 -32.80 -23.23 -24.00
CA ASP C 148 -31.39 -23.17 -23.63
C ASP C 148 -31.02 -24.27 -22.65
N LYS C 149 -29.90 -24.95 -22.91
CA LYS C 149 -29.44 -26.03 -22.03
C LYS C 149 -28.47 -25.54 -20.95
N SER C 150 -27.91 -24.34 -21.10
CA SER C 150 -26.98 -23.78 -20.08
C SER C 150 -27.69 -23.33 -18.81
N ARG C 151 -26.95 -23.30 -17.71
CA ARG C 151 -27.51 -22.94 -16.39
C ARG C 151 -27.97 -21.49 -16.38
N VAL C 152 -29.07 -21.24 -15.69
CA VAL C 152 -29.57 -19.89 -15.55
C VAL C 152 -28.81 -19.18 -14.41
N THR C 153 -28.48 -17.92 -14.67
CA THR C 153 -27.65 -17.11 -13.79
C THR C 153 -28.45 -16.06 -13.04
N CYS C 154 -29.39 -15.42 -13.74
CA CYS C 154 -30.17 -14.35 -13.15
C CYS C 154 -31.63 -14.45 -13.63
N VAL C 155 -32.57 -14.36 -12.69
CA VAL C 155 -33.98 -14.30 -13.05
C VAL C 155 -34.68 -13.23 -12.27
N LYS C 156 -35.45 -12.41 -12.96
CA LYS C 156 -36.22 -11.38 -12.29
C LYS C 156 -37.53 -11.07 -13.00
N TRP C 157 -38.56 -10.92 -12.19
CA TRP C 157 -39.82 -10.43 -12.65
C TRP C 157 -39.58 -9.04 -13.18
N VAL C 158 -40.26 -8.70 -14.28
CA VAL C 158 -40.18 -7.37 -14.91
C VAL C 158 -40.86 -6.34 -14.01
N PRO C 159 -40.22 -5.15 -13.85
CA PRO C 159 -40.76 -4.22 -12.86
C PRO C 159 -42.13 -3.75 -13.31
N GLY C 160 -43.10 -3.82 -12.40
CA GLY C 160 -44.47 -3.41 -12.69
C GLY C 160 -45.37 -4.46 -13.32
N SER C 161 -44.80 -5.47 -14.00
CA SER C 161 -45.56 -6.63 -14.54
C SER C 161 -46.11 -7.56 -13.47
N GLU C 162 -46.97 -8.44 -13.91
CA GLU C 162 -47.54 -9.47 -13.09
C GLU C 162 -46.98 -10.74 -13.72
N SER C 163 -46.82 -10.76 -15.04
CA SER C 163 -46.70 -11.98 -15.83
C SER C 163 -45.46 -12.12 -16.69
N LEU C 164 -44.84 -11.01 -17.02
CA LEU C 164 -43.55 -11.03 -17.74
C LEU C 164 -42.41 -11.24 -16.75
N PHE C 165 -41.36 -11.93 -17.19
CA PHE C 165 -40.14 -12.06 -16.41
C PHE C 165 -39.00 -12.36 -17.32
N LEU C 166 -37.80 -12.12 -16.81
CA LEU C 166 -36.57 -12.21 -17.60
C LEU C 166 -35.62 -13.21 -16.94
N VAL C 167 -34.99 -14.07 -17.74
CA VAL C 167 -34.01 -15.05 -17.26
C VAL C 167 -32.75 -14.93 -18.09
N ALA C 168 -31.64 -15.39 -17.55
CA ALA C 168 -30.33 -15.21 -18.20
C ALA C 168 -29.39 -16.35 -17.91
N HIS C 169 -28.63 -16.76 -18.92
CA HIS C 169 -28.00 -18.09 -18.95
C HIS C 169 -26.50 -17.96 -19.22
N SER C 170 -25.73 -19.01 -18.90
CA SER C 170 -24.27 -19.05 -19.18
C SER C 170 -23.91 -18.92 -20.66
N SER C 171 -24.87 -19.23 -21.52
CA SER C 171 -24.76 -19.02 -22.97
C SER C 171 -24.48 -17.57 -23.42
N GLY C 172 -24.76 -16.59 -22.56
CA GLY C 172 -24.66 -15.19 -22.93
C GLY C 172 -25.94 -14.80 -23.63
N ASN C 173 -27.06 -15.34 -23.15
CA ASN C 173 -28.40 -15.04 -23.66
C ASN C 173 -29.34 -14.75 -22.52
N MET C 174 -30.44 -14.07 -22.86
CA MET C 174 -31.55 -13.81 -21.94
C MET C 174 -32.85 -14.04 -22.70
N TYR C 175 -33.91 -14.37 -21.97
CA TYR C 175 -35.16 -14.77 -22.58
C TYR C 175 -36.31 -14.10 -21.81
N LEU C 176 -37.29 -13.58 -22.54
CA LEU C 176 -38.50 -13.01 -21.93
C LEU C 176 -39.67 -14.01 -21.95
N TYR C 177 -40.33 -14.19 -20.81
CA TYR C 177 -41.37 -15.22 -20.63
C TYR C 177 -42.63 -14.61 -20.06
N ASN C 178 -43.78 -15.01 -20.58
CA ASN C 178 -45.04 -14.74 -19.90
C ASN C 178 -45.39 -15.94 -19.05
N VAL C 179 -45.93 -15.69 -17.86
CA VAL C 179 -46.38 -16.76 -16.97
C VAL C 179 -47.45 -17.56 -17.69
N GLU C 180 -48.43 -16.86 -18.26
CA GLU C 180 -49.62 -17.50 -18.83
C GLU C 180 -49.42 -18.19 -20.17
N HIS C 181 -48.46 -17.76 -20.99
CA HIS C 181 -48.08 -18.51 -22.20
C HIS C 181 -47.57 -19.91 -21.83
N THR C 182 -47.26 -20.73 -22.84
CA THR C 182 -46.72 -22.07 -22.58
C THR C 182 -45.62 -22.35 -23.58
N CYS C 183 -44.62 -23.09 -23.16
CA CYS C 183 -43.42 -23.31 -23.95
C CYS C 183 -43.69 -24.24 -25.11
N GLY C 184 -42.79 -24.24 -26.09
CA GLY C 184 -42.89 -25.15 -27.23
C GLY C 184 -42.76 -26.62 -26.90
N THR C 185 -43.23 -27.48 -27.82
CA THR C 185 -42.96 -28.91 -27.77
C THR C 185 -41.55 -29.17 -28.33
N THR C 186 -41.08 -28.26 -29.19
CA THR C 186 -39.72 -28.32 -29.75
C THR C 186 -39.03 -26.96 -29.68
N ALA C 187 -37.72 -26.98 -29.97
CA ALA C 187 -36.87 -25.78 -29.90
C ALA C 187 -37.36 -24.66 -30.82
N PRO C 188 -38.05 -23.63 -30.26
CA PRO C 188 -38.84 -22.71 -31.07
C PRO C 188 -37.96 -21.78 -31.88
N HIS C 189 -38.49 -21.29 -33.01
CA HIS C 189 -37.72 -20.50 -33.99
C HIS C 189 -37.93 -19.03 -33.73
N TYR C 190 -36.97 -18.24 -34.20
CA TYR C 190 -36.99 -16.79 -34.07
C TYR C 190 -36.69 -16.19 -35.42
N GLN C 191 -36.98 -14.90 -35.55
CA GLN C 191 -36.35 -14.08 -36.57
C GLN C 191 -35.98 -12.72 -35.93
N LEU C 192 -34.88 -12.16 -36.41
CA LEU C 192 -34.29 -10.93 -35.87
C LEU C 192 -35.28 -9.78 -35.62
N LEU C 193 -35.08 -9.06 -34.52
CA LEU C 193 -35.81 -7.82 -34.21
C LEU C 193 -34.83 -6.65 -34.33
N LYS C 194 -33.79 -6.66 -33.50
CA LYS C 194 -32.77 -5.62 -33.48
C LYS C 194 -31.39 -6.26 -33.65
N GLN C 195 -30.47 -5.48 -34.22
CA GLN C 195 -29.09 -5.89 -34.40
C GLN C 195 -28.24 -4.68 -34.06
N GLY C 196 -27.09 -4.93 -33.42
CA GLY C 196 -26.21 -3.84 -33.00
C GLY C 196 -24.80 -4.35 -32.85
N GLU C 197 -23.91 -3.43 -32.48
CA GLU C 197 -22.52 -3.78 -32.17
C GLU C 197 -22.58 -4.58 -30.85
N SER C 198 -22.27 -5.88 -30.96
CA SER C 198 -22.18 -6.83 -29.81
C SER C 198 -23.48 -7.27 -29.12
N PHE C 199 -24.63 -7.04 -29.74
CA PHE C 199 -25.86 -7.67 -29.29
C PHE C 199 -26.89 -7.86 -30.40
N ALA C 200 -27.78 -8.82 -30.14
CA ALA C 200 -28.87 -9.14 -31.02
C ALA C 200 -30.13 -9.46 -30.21
N VAL C 201 -31.27 -9.07 -30.74
CA VAL C 201 -32.55 -9.45 -30.18
C VAL C 201 -33.33 -10.08 -31.31
N HIS C 202 -33.76 -11.32 -31.10
CA HIS C 202 -34.67 -11.99 -32.00
C HIS C 202 -36.00 -12.10 -31.29
N THR C 203 -37.04 -12.34 -32.07
CA THR C 203 -38.41 -12.44 -31.55
C THR C 203 -39.04 -13.74 -32.05
N CYS C 204 -39.96 -14.31 -31.24
CA CYS C 204 -40.43 -15.69 -31.47
C CYS C 204 -41.41 -15.81 -32.64
N LYS C 205 -40.96 -16.53 -33.68
CA LYS C 205 -41.77 -16.83 -34.87
C LYS C 205 -42.76 -17.96 -34.53
N SER C 206 -43.97 -17.57 -34.10
CA SER C 206 -45.04 -18.52 -33.78
C SER C 206 -46.44 -17.93 -34.03
N LYS C 207 -47.33 -18.78 -34.57
CA LYS C 207 -48.72 -18.41 -34.83
C LYS C 207 -49.62 -18.50 -33.58
N SER C 208 -49.03 -18.66 -32.40
CA SER C 208 -49.76 -18.72 -31.13
C SER C 208 -48.87 -18.19 -30.01
N THR C 209 -49.44 -18.05 -28.82
CA THR C 209 -48.73 -17.45 -27.66
C THR C 209 -47.76 -18.44 -27.00
N ARG C 210 -46.50 -18.42 -27.46
CA ARG C 210 -45.46 -19.33 -26.94
C ARG C 210 -44.23 -18.58 -26.34
N ASN C 211 -44.17 -18.83 -25.04
CA ASN C 211 -43.30 -18.29 -24.00
C ASN C 211 -42.07 -17.49 -24.25
N PRO C 212 -41.12 -18.04 -24.99
CA PRO C 212 -39.91 -17.28 -25.27
C PRO C 212 -40.35 -16.03 -26.00
N LEU C 213 -41.13 -15.18 -25.34
CA LEU C 213 -41.59 -14.02 -26.16
C LEU C 213 -40.46 -13.52 -27.04
N LEU C 214 -39.24 -13.53 -26.51
CA LEU C 214 -38.05 -13.17 -27.27
C LEU C 214 -36.75 -13.62 -26.60
N LYS C 215 -35.69 -13.66 -27.41
CA LYS C 215 -34.33 -14.04 -26.99
C LYS C 215 -33.39 -12.86 -27.22
N TRP C 216 -32.74 -12.43 -26.14
CA TRP C 216 -31.78 -11.32 -26.14
C TRP C 216 -30.35 -11.86 -26.05
N THR C 217 -29.60 -11.76 -27.15
CA THR C 217 -28.19 -12.16 -27.21
C THR C 217 -27.25 -10.99 -26.86
N VAL C 218 -26.38 -11.21 -25.86
CA VAL C 218 -25.53 -10.16 -25.25
C VAL C 218 -24.07 -10.62 -25.17
N GLY C 219 -23.24 -10.09 -26.08
CA GLY C 219 -21.79 -10.30 -26.06
C GLY C 219 -21.29 -11.74 -26.04
N GLU C 220 -19.98 -11.87 -25.80
CA GLU C 220 -19.30 -13.16 -25.60
C GLU C 220 -19.35 -13.60 -24.15
N GLY C 221 -19.37 -14.91 -23.96
CA GLY C 221 -19.32 -15.49 -22.63
C GLY C 221 -20.59 -15.27 -21.83
N ALA C 222 -20.63 -15.86 -20.64
CA ALA C 222 -21.84 -15.86 -19.81
C ALA C 222 -22.31 -14.47 -19.42
N LEU C 223 -23.63 -14.32 -19.37
CA LEU C 223 -24.24 -13.19 -18.75
C LEU C 223 -24.32 -13.48 -17.27
N ASN C 224 -23.55 -12.73 -16.51
CA ASN C 224 -23.35 -12.99 -15.09
C ASN C 224 -24.51 -12.42 -14.24
N GLU C 225 -24.88 -11.17 -14.50
CA GLU C 225 -25.99 -10.55 -13.79
C GLU C 225 -26.57 -9.45 -14.64
N PHE C 226 -27.88 -9.30 -14.57
CA PHE C 226 -28.52 -8.11 -15.12
C PHE C 226 -29.26 -7.41 -13.97
N ALA C 227 -29.64 -6.15 -14.19
CA ALA C 227 -30.43 -5.42 -13.19
C ALA C 227 -31.25 -4.26 -13.80
N PHE C 228 -32.54 -4.24 -13.48
CA PHE C 228 -33.39 -3.16 -13.94
C PHE C 228 -33.12 -1.91 -13.12
N SER C 229 -33.09 -0.79 -13.83
CA SER C 229 -33.13 0.55 -13.25
C SER C 229 -34.22 0.67 -12.20
N PRO C 230 -34.03 1.47 -11.16
CA PRO C 230 -35.08 1.59 -10.18
C PRO C 230 -36.41 2.02 -10.80
N ASP C 231 -36.35 2.92 -11.79
CA ASP C 231 -37.54 3.40 -12.51
C ASP C 231 -38.20 2.28 -13.34
N GLY C 232 -37.40 1.35 -13.84
CA GLY C 232 -37.86 0.22 -14.61
C GLY C 232 -37.42 0.34 -16.05
N LYS C 233 -37.09 1.56 -16.48
CA LYS C 233 -36.91 1.86 -17.89
C LYS C 233 -35.68 1.18 -18.52
N PHE C 234 -34.60 1.04 -17.76
CA PHE C 234 -33.36 0.49 -18.30
C PHE C 234 -32.90 -0.79 -17.66
N LEU C 235 -32.01 -1.47 -18.36
CA LEU C 235 -31.48 -2.75 -17.92
C LEU C 235 -29.96 -2.72 -18.01
N ALA C 236 -29.30 -3.08 -16.90
CA ALA C 236 -27.85 -3.11 -16.81
C ALA C 236 -27.38 -4.57 -16.88
N CYS C 237 -26.46 -4.86 -17.79
CA CYS C 237 -25.99 -6.22 -18.03
C CYS C 237 -24.49 -6.30 -17.96
N VAL C 238 -23.99 -7.23 -17.13
CA VAL C 238 -22.56 -7.51 -17.03
C VAL C 238 -22.29 -8.91 -17.53
N SER C 239 -21.23 -9.06 -18.32
CA SER C 239 -20.94 -10.31 -19.01
C SER C 239 -19.46 -10.69 -18.81
N GLN C 240 -19.15 -11.96 -19.02
CA GLN C 240 -17.80 -12.51 -18.84
C GLN C 240 -16.73 -11.91 -19.78
N ASP C 241 -17.16 -11.30 -20.89
CA ASP C 241 -16.22 -10.55 -21.75
C ASP C 241 -15.84 -9.20 -21.17
N GLY C 242 -16.46 -8.84 -20.04
CA GLY C 242 -16.10 -7.66 -19.27
C GLY C 242 -16.75 -6.38 -19.68
N PHE C 243 -17.84 -6.47 -20.42
CA PHE C 243 -18.51 -5.28 -20.82
C PHE C 243 -19.73 -5.15 -19.92
N LEU C 244 -19.92 -3.94 -19.40
CA LEU C 244 -21.19 -3.52 -18.82
C LEU C 244 -21.92 -2.89 -19.99
N ARG C 245 -23.08 -3.45 -20.32
CA ARG C 245 -23.89 -2.98 -21.43
C ARG C 245 -25.21 -2.57 -20.82
N VAL C 246 -25.53 -1.29 -20.90
CA VAL C 246 -26.79 -0.81 -20.35
C VAL C 246 -27.78 -0.48 -21.49
N PHE C 247 -29.00 -1.01 -21.39
CA PHE C 247 -30.00 -0.99 -22.46
C PHE C 247 -31.24 -0.26 -22.01
N ASN C 248 -31.83 0.44 -22.98
CA ASN C 248 -33.20 0.93 -22.86
C ASN C 248 -34.12 -0.26 -23.05
N PHE C 249 -34.91 -0.60 -22.04
CA PHE C 249 -35.63 -1.88 -22.04
C PHE C 249 -36.79 -1.84 -23.04
N ASP C 250 -37.68 -0.85 -22.90
CA ASP C 250 -38.80 -0.66 -23.83
C ASP C 250 -38.33 -0.51 -25.31
N SER C 251 -37.41 0.41 -25.53
CA SER C 251 -36.83 0.63 -26.86
C SER C 251 -35.94 -0.52 -27.39
N VAL C 252 -35.46 -1.38 -26.51
CA VAL C 252 -34.52 -2.45 -26.88
C VAL C 252 -33.33 -1.89 -27.67
N GLU C 253 -32.77 -0.80 -27.15
CA GLU C 253 -31.55 -0.23 -27.70
C GLU C 253 -30.53 0.18 -26.63
N LEU C 254 -29.30 0.32 -27.09
CA LEU C 254 -28.09 0.28 -26.28
C LEU C 254 -27.70 1.68 -25.83
N HIS C 255 -27.88 1.96 -24.55
CA HIS C 255 -27.62 3.29 -23.99
C HIS C 255 -26.14 3.62 -23.83
N GLY C 256 -25.34 2.63 -23.44
CA GLY C 256 -23.93 2.87 -23.19
C GLY C 256 -23.15 1.65 -22.74
N THR C 257 -21.84 1.66 -22.97
CA THR C 257 -21.00 0.52 -22.57
C THR C 257 -19.80 0.95 -21.73
N MET C 258 -19.18 -0.06 -21.12
CA MET C 258 -17.98 0.12 -20.31
C MET C 258 -17.23 -1.21 -20.26
N LYS C 259 -15.89 -1.15 -20.29
CA LYS C 259 -15.01 -2.34 -20.24
C LYS C 259 -14.15 -2.30 -18.98
N SER C 260 -14.06 -3.44 -18.30
CA SER C 260 -13.14 -3.67 -17.18
C SER C 260 -11.68 -3.47 -17.59
N TYR C 261 -10.87 -2.96 -16.67
CA TYR C 261 -9.42 -2.84 -16.88
C TYR C 261 -8.89 -4.18 -17.37
N PHE C 262 -9.31 -5.23 -16.65
CA PHE C 262 -9.31 -6.57 -17.19
C PHE C 262 -10.34 -7.41 -16.48
N GLY C 263 -10.65 -8.54 -17.08
CA GLY C 263 -11.13 -9.67 -16.32
C GLY C 263 -12.55 -10.13 -16.50
N GLY C 264 -13.48 -9.21 -16.71
CA GLY C 264 -14.84 -9.67 -16.89
C GLY C 264 -15.65 -9.47 -15.64
N LEU C 265 -16.89 -9.06 -15.82
CA LEU C 265 -17.65 -8.39 -14.76
C LEU C 265 -18.76 -9.25 -14.23
N LEU C 266 -18.89 -9.22 -12.92
CA LEU C 266 -19.53 -10.29 -12.18
C LEU C 266 -20.79 -9.88 -11.48
N CYS C 267 -20.91 -8.60 -11.15
CA CYS C 267 -22.13 -8.10 -10.52
C CYS C 267 -22.44 -6.67 -10.97
N VAL C 268 -23.67 -6.22 -10.75
CA VAL C 268 -24.02 -4.84 -11.07
C VAL C 268 -25.18 -4.33 -10.25
N CYS C 269 -25.24 -3.02 -10.05
CA CYS C 269 -26.41 -2.40 -9.44
C CYS C 269 -26.57 -0.92 -9.75
N TRP C 270 -27.72 -0.39 -9.34
CA TRP C 270 -28.13 0.98 -9.62
C TRP C 270 -28.18 1.75 -8.32
N SER C 271 -27.68 2.98 -8.34
CA SER C 271 -27.91 3.91 -7.23
C SER C 271 -29.42 4.02 -7.01
N PRO C 272 -29.87 4.33 -5.79
CA PRO C 272 -31.33 4.26 -5.58
C PRO C 272 -32.15 5.25 -6.40
N ASP C 273 -31.52 6.35 -6.82
CA ASP C 273 -32.06 7.32 -7.80
C ASP C 273 -31.69 7.00 -9.26
N GLY C 274 -31.27 5.79 -9.56
CA GLY C 274 -30.91 5.43 -10.93
C GLY C 274 -29.94 6.31 -11.69
N LYS C 275 -29.15 7.15 -10.99
CA LYS C 275 -28.15 8.02 -11.65
C LYS C 275 -26.73 7.43 -11.88
N TYR C 276 -26.35 6.44 -11.06
CA TYR C 276 -25.10 5.70 -11.24
C TYR C 276 -25.26 4.19 -11.17
N ILE C 277 -24.32 3.52 -11.82
CA ILE C 277 -24.17 2.06 -11.78
C ILE C 277 -22.80 1.72 -11.14
N VAL C 278 -22.76 0.79 -10.18
CA VAL C 278 -21.47 0.18 -9.76
C VAL C 278 -21.38 -1.26 -10.18
N THR C 279 -20.12 -1.72 -10.30
CA THR C 279 -19.76 -2.94 -11.01
C THR C 279 -18.53 -3.61 -10.41
N GLY C 280 -18.73 -4.76 -9.75
CA GLY C 280 -17.65 -5.69 -9.38
C GLY C 280 -17.18 -6.67 -10.45
N GLY C 281 -15.89 -7.07 -10.42
CA GLY C 281 -15.28 -8.01 -11.40
C GLY C 281 -14.05 -8.85 -11.00
N GLU C 282 -13.37 -9.40 -12.02
CA GLU C 282 -12.23 -10.33 -11.86
C GLU C 282 -10.84 -9.65 -11.71
N ASP C 283 -10.83 -8.32 -11.79
CA ASP C 283 -9.67 -7.47 -11.39
C ASP C 283 -9.71 -7.04 -9.90
N ASP C 284 -10.55 -7.69 -9.10
CA ASP C 284 -10.74 -7.35 -7.69
C ASP C 284 -11.39 -5.97 -7.44
N LEU C 285 -11.68 -5.21 -8.51
CA LEU C 285 -12.13 -3.83 -8.36
C LEU C 285 -13.65 -3.67 -8.35
N VAL C 286 -14.12 -2.60 -7.73
CA VAL C 286 -15.44 -2.05 -8.04
C VAL C 286 -15.26 -0.81 -8.92
N THR C 287 -16.12 -0.64 -9.93
CA THR C 287 -16.14 0.54 -10.81
C THR C 287 -17.44 1.33 -10.58
N VAL C 288 -17.39 2.65 -10.68
CA VAL C 288 -18.57 3.53 -10.54
C VAL C 288 -18.81 4.26 -11.87
N TRP C 289 -20.01 4.14 -12.42
CA TRP C 289 -20.32 4.62 -13.79
C TRP C 289 -21.47 5.61 -13.73
N SER C 290 -21.30 6.76 -14.40
CA SER C 290 -22.41 7.73 -14.56
C SER C 290 -23.34 7.38 -15.72
N PHE C 291 -24.61 7.14 -15.39
CA PHE C 291 -25.62 6.91 -16.43
C PHE C 291 -25.74 8.09 -17.38
N VAL C 292 -25.96 9.30 -16.86
CA VAL C 292 -26.17 10.46 -17.73
C VAL C 292 -24.95 10.69 -18.65
N ASP C 293 -23.76 10.77 -18.06
CA ASP C 293 -22.55 11.13 -18.82
C ASP C 293 -21.95 9.95 -19.59
N CYS C 294 -22.42 8.73 -19.33
CA CYS C 294 -21.88 7.52 -19.95
C CYS C 294 -20.38 7.41 -19.82
N ARG C 295 -19.93 7.35 -18.57
CA ARG C 295 -18.52 7.56 -18.25
C ARG C 295 -18.16 7.00 -16.88
N VAL C 296 -16.93 6.51 -16.79
CA VAL C 296 -16.38 5.98 -15.55
C VAL C 296 -15.96 7.15 -14.68
N ILE C 297 -16.27 7.10 -13.39
CA ILE C 297 -15.99 8.22 -12.48
C ILE C 297 -15.13 7.89 -11.24
N ALA C 298 -15.01 6.60 -10.91
CA ALA C 298 -14.15 6.09 -9.83
C ALA C 298 -14.02 4.58 -9.92
N ARG C 299 -12.83 4.08 -9.55
CA ARG C 299 -12.63 2.67 -9.24
C ARG C 299 -12.45 2.51 -7.74
N GLY C 300 -12.61 1.30 -7.24
CA GLY C 300 -12.47 1.01 -5.82
C GLY C 300 -11.68 -0.25 -5.59
N HIS C 301 -10.46 -0.12 -5.09
CA HIS C 301 -9.61 -1.27 -4.82
C HIS C 301 -9.49 -1.54 -3.33
N GLY C 302 -10.14 -2.61 -2.86
CA GLY C 302 -10.10 -2.98 -1.47
C GLY C 302 -10.06 -4.47 -1.22
N HIS C 303 -10.36 -5.24 -2.26
CA HIS C 303 -10.69 -6.66 -2.16
C HIS C 303 -9.52 -7.53 -2.58
N LYS C 304 -9.28 -8.59 -1.81
CA LYS C 304 -8.20 -9.50 -2.11
C LYS C 304 -8.57 -10.55 -3.15
N SER C 305 -9.85 -10.76 -3.40
CA SER C 305 -10.29 -11.70 -4.45
C SER C 305 -11.28 -10.99 -5.37
N TRP C 306 -11.98 -11.80 -6.15
CA TRP C 306 -13.00 -11.31 -7.03
C TRP C 306 -14.25 -10.84 -6.29
N VAL C 307 -14.89 -9.84 -6.89
CA VAL C 307 -16.05 -9.20 -6.27
C VAL C 307 -17.30 -9.93 -6.72
N SER C 308 -18.14 -10.31 -5.76
CA SER C 308 -19.30 -11.16 -5.99
C SER C 308 -20.64 -10.41 -6.06
N VAL C 309 -20.84 -9.41 -5.22
CA VAL C 309 -22.09 -8.69 -5.14
C VAL C 309 -21.82 -7.23 -4.80
N VAL C 310 -22.59 -6.34 -5.41
CA VAL C 310 -22.51 -4.89 -5.12
C VAL C 310 -23.90 -4.35 -4.91
N ALA C 311 -24.04 -3.38 -4.03
CA ALA C 311 -25.36 -2.90 -3.68
C ALA C 311 -25.31 -1.56 -3.00
N PHE C 312 -26.04 -0.58 -3.52
CA PHE C 312 -26.26 0.71 -2.83
C PHE C 312 -27.16 0.56 -1.60
N ASP C 313 -26.98 1.42 -0.62
CA ASP C 313 -27.72 1.37 0.64
C ASP C 313 -28.65 2.57 0.61
N PRO C 314 -29.90 2.34 0.21
CA PRO C 314 -30.88 3.40 0.21
C PRO C 314 -30.98 4.17 1.52
N TYR C 315 -30.70 3.55 2.65
CA TYR C 315 -31.03 4.19 3.91
C TYR C 315 -29.89 5.08 4.46
N THR C 316 -28.74 5.13 3.78
CA THR C 316 -27.64 6.04 4.13
C THR C 316 -27.16 6.75 2.86
N THR C 317 -28.11 7.35 2.16
CA THR C 317 -27.83 8.05 0.90
C THR C 317 -28.53 9.42 0.99
N SER C 318 -28.12 10.36 0.14
CA SER C 318 -28.74 11.71 0.02
C SER C 318 -28.67 12.25 -1.42
N VAL C 363 -27.25 19.63 2.70
CA VAL C 363 -27.41 20.07 1.30
C VAL C 363 -26.47 19.32 0.30
N SER C 364 -25.45 18.61 0.82
CA SER C 364 -24.41 17.98 -0.01
C SER C 364 -24.75 16.52 -0.40
N VAL C 365 -24.48 16.17 -1.65
CA VAL C 365 -24.90 14.88 -2.19
C VAL C 365 -23.95 13.76 -1.84
N THR C 366 -24.51 12.70 -1.25
CA THR C 366 -23.69 11.55 -0.86
C THR C 366 -24.43 10.21 -1.01
N TYR C 367 -23.84 9.27 -1.74
CA TYR C 367 -24.32 7.89 -1.79
C TYR C 367 -23.48 6.94 -0.95
N ARG C 368 -24.11 5.91 -0.36
CA ARG C 368 -23.39 4.72 0.12
C ARG C 368 -23.63 3.45 -0.73
N PHE C 369 -22.55 2.74 -1.06
CA PHE C 369 -22.69 1.37 -1.48
C PHE C 369 -21.75 0.41 -0.77
N GLY C 370 -22.07 -0.89 -0.88
CA GLY C 370 -21.31 -1.98 -0.31
C GLY C 370 -20.94 -2.99 -1.39
N SER C 371 -19.86 -3.72 -1.16
CA SER C 371 -19.52 -4.89 -1.93
C SER C 371 -19.17 -6.04 -0.98
N VAL C 372 -19.30 -7.27 -1.50
CA VAL C 372 -18.79 -8.46 -0.84
C VAL C 372 -18.09 -9.28 -1.88
N GLY C 373 -17.08 -10.04 -1.47
CA GLY C 373 -16.16 -10.72 -2.40
C GLY C 373 -15.94 -12.19 -2.10
N GLN C 374 -15.20 -12.81 -3.02
CA GLN C 374 -14.75 -14.18 -2.86
C GLN C 374 -13.62 -14.29 -1.82
N ASP C 375 -13.09 -13.13 -1.42
CA ASP C 375 -12.19 -13.02 -0.30
C ASP C 375 -12.82 -13.09 1.09
N THR C 376 -14.14 -13.23 1.17
CA THR C 376 -14.86 -13.34 2.47
C THR C 376 -15.02 -12.01 3.22
N GLN C 377 -14.70 -10.91 2.54
CA GLN C 377 -14.73 -9.63 3.17
C GLN C 377 -15.87 -8.78 2.67
N LEU C 378 -16.43 -7.99 3.58
CA LEU C 378 -17.37 -6.90 3.30
C LEU C 378 -16.66 -5.53 3.22
N CYS C 379 -16.83 -4.80 2.12
CA CYS C 379 -16.37 -3.39 2.02
C CYS C 379 -17.56 -2.46 1.85
N LEU C 380 -17.58 -1.38 2.63
CA LEU C 380 -18.47 -0.23 2.42
C LEU C 380 -17.77 0.97 1.79
N TRP C 381 -18.47 1.67 0.91
CA TRP C 381 -17.90 2.79 0.14
C TRP C 381 -18.74 4.07 0.28
N ASP C 382 -18.10 5.23 0.09
CA ASP C 382 -18.79 6.53 -0.01
C ASP C 382 -18.49 7.26 -1.33
N LEU C 383 -19.56 7.67 -2.01
CA LEU C 383 -19.47 8.61 -3.13
C LEU C 383 -19.94 9.93 -2.59
N THR C 384 -19.01 10.86 -2.42
CA THR C 384 -19.31 12.24 -2.05
C THR C 384 -18.98 13.13 -3.23
N GLU C 385 -19.28 14.42 -3.06
CA GLU C 385 -19.21 15.38 -4.17
C GLU C 385 -17.86 15.60 -4.84
N ASP C 386 -16.78 15.30 -4.13
CA ASP C 386 -15.44 15.48 -4.69
C ASP C 386 -15.11 14.47 -5.78
N ILE C 387 -15.70 13.28 -5.67
CA ILE C 387 -15.50 12.22 -6.65
C ILE C 387 -16.53 12.32 -7.78
N LEU C 388 -17.77 12.64 -7.41
CA LEU C 388 -18.88 12.82 -8.35
C LEU C 388 -18.74 14.03 -9.27
N PHE C 389 -18.41 15.17 -8.64
CA PHE C 389 -18.33 16.46 -9.32
C PHE C 389 -16.94 17.07 -9.04
N PRO C 390 -15.91 16.57 -9.75
CA PRO C 390 -14.57 17.10 -9.54
C PRO C 390 -14.44 18.56 -9.97
N HIS C 391 -15.18 18.96 -11.01
CA HIS C 391 -14.98 20.25 -11.68
C HIS C 391 -15.80 21.45 -11.14
N GLN C 392 -16.57 21.29 -10.06
CA GLN C 392 -17.32 22.42 -9.48
C GLN C 392 -16.41 23.48 -8.81
N PRO C 393 -16.94 24.70 -8.57
CA PRO C 393 -16.24 25.72 -7.76
C PRO C 393 -16.53 25.56 -6.26
N LEU C 394 -15.64 26.09 -5.42
CA LEU C 394 -15.69 25.88 -3.94
C LEU C 394 -16.61 26.91 -3.29
N LEU C 509 -7.82 -3.34 -26.51
CA LEU C 509 -8.82 -2.69 -27.35
C LEU C 509 -8.96 -1.20 -26.90
N GLY C 510 -10.17 -0.64 -27.00
CA GLY C 510 -10.47 0.71 -26.50
C GLY C 510 -10.12 0.99 -25.05
N THR C 511 -9.43 2.11 -24.82
CA THR C 511 -9.07 2.57 -23.48
C THR C 511 -9.79 3.88 -23.02
N PRO C 512 -10.48 4.58 -23.93
CA PRO C 512 -11.17 5.84 -23.56
C PRO C 512 -12.68 5.72 -23.15
N LEU C 513 -13.23 4.50 -23.19
CA LEU C 513 -14.42 4.12 -22.40
C LEU C 513 -14.05 3.12 -21.29
N CYS C 514 -12.76 2.73 -21.25
CA CYS C 514 -12.10 2.07 -20.13
C CYS C 514 -10.83 2.91 -19.82
N PRO C 515 -10.99 4.02 -19.05
CA PRO C 515 -9.91 4.97 -18.70
C PRO C 515 -8.63 4.35 -18.14
N ARG C 516 -7.54 5.10 -18.21
CA ARG C 516 -6.25 4.68 -17.61
C ARG C 516 -6.45 4.72 -16.10
N MET C 517 -5.79 3.82 -15.37
CA MET C 517 -5.83 3.80 -13.88
C MET C 517 -5.46 5.15 -13.27
N GLU C 518 -4.47 5.82 -13.86
CA GLU C 518 -3.96 7.14 -13.44
C GLU C 518 -4.97 8.29 -13.61
N ASP C 519 -5.95 8.12 -14.50
CA ASP C 519 -6.87 9.19 -14.89
C ASP C 519 -8.17 9.24 -14.08
N VAL C 520 -8.70 8.06 -13.75
CA VAL C 520 -9.88 7.96 -12.89
C VAL C 520 -9.43 7.88 -11.41
N PRO C 521 -10.21 8.49 -10.47
CA PRO C 521 -9.89 8.31 -9.04
C PRO C 521 -9.94 6.86 -8.58
N LEU C 522 -9.19 6.56 -7.52
CA LEU C 522 -9.20 5.25 -6.89
C LEU C 522 -9.63 5.41 -5.42
N LEU C 523 -10.85 4.97 -5.10
CA LEU C 523 -11.41 5.06 -3.74
C LEU C 523 -10.84 4.04 -2.76
N GLU C 524 -10.94 4.36 -1.48
CA GLU C 524 -10.60 3.40 -0.41
C GLU C 524 -11.84 3.09 0.42
N PRO C 525 -12.05 1.81 0.74
CA PRO C 525 -13.18 1.40 1.60
C PRO C 525 -13.25 2.18 2.90
N LEU C 526 -14.44 2.45 3.42
CA LEU C 526 -14.57 3.02 4.79
C LEU C 526 -14.22 1.95 5.77
N ILE C 527 -14.78 0.77 5.55
CA ILE C 527 -14.38 -0.43 6.22
C ILE C 527 -14.11 -1.53 5.22
N CYS C 528 -13.44 -2.56 5.70
CA CYS C 528 -13.13 -3.76 4.91
C CYS C 528 -12.91 -4.86 5.93
N LYS C 529 -13.98 -5.56 6.31
CA LYS C 529 -13.94 -6.64 7.30
C LYS C 529 -14.17 -8.08 6.71
N LYS C 530 -13.32 -9.02 7.14
CA LYS C 530 -13.60 -10.45 6.95
C LYS C 530 -14.81 -10.80 7.80
N ILE C 531 -15.88 -11.29 7.16
CA ILE C 531 -17.12 -11.59 7.89
C ILE C 531 -17.70 -13.00 7.65
N ALA C 532 -16.93 -13.85 6.99
CA ALA C 532 -17.31 -15.25 6.84
C ALA C 532 -16.08 -16.13 6.51
N HIS C 533 -16.30 -17.43 6.68
CA HIS C 533 -15.27 -18.41 6.40
C HIS C 533 -15.27 -18.70 4.94
N GLU C 534 -16.47 -18.73 4.35
CA GLU C 534 -16.61 -18.97 2.92
C GLU C 534 -16.73 -17.69 2.13
N ARG C 535 -16.56 -17.83 0.82
CA ARG C 535 -16.73 -16.74 -0.12
C ARG C 535 -18.16 -16.25 -0.02
N LEU C 536 -18.35 -14.95 -0.11
CA LEU C 536 -19.68 -14.35 0.09
C LEU C 536 -20.49 -14.30 -1.21
N THR C 537 -21.81 -14.31 -1.05
CA THR C 537 -22.72 -14.39 -2.20
C THR C 537 -23.99 -13.53 -2.11
N VAL C 538 -24.13 -12.74 -1.06
CA VAL C 538 -25.37 -12.05 -0.78
C VAL C 538 -25.12 -10.72 -0.02
N LEU C 539 -25.52 -9.60 -0.61
CA LEU C 539 -25.51 -8.32 0.11
C LEU C 539 -26.79 -7.55 -0.13
N ILE C 540 -27.52 -7.26 0.93
CA ILE C 540 -28.86 -6.76 0.82
C ILE C 540 -29.05 -5.70 1.91
N PHE C 541 -29.48 -4.49 1.50
CA PHE C 541 -29.65 -3.37 2.45
C PHE C 541 -31.11 -3.20 2.80
N LEU C 542 -31.40 -3.10 4.08
CA LEU C 542 -32.76 -3.04 4.57
C LEU C 542 -32.88 -1.97 5.65
N GLU C 543 -34.10 -1.53 5.89
CA GLU C 543 -34.37 -0.47 6.86
C GLU C 543 -33.66 -0.62 8.21
N ASP C 544 -33.54 -1.83 8.74
CA ASP C 544 -33.00 -2.02 10.09
C ASP C 544 -31.67 -2.73 10.15
N CYS C 545 -31.16 -3.22 9.02
CA CYS C 545 -30.01 -4.11 9.07
C CYS C 545 -29.49 -4.42 7.73
N ILE C 546 -28.23 -4.81 7.66
CA ILE C 546 -27.64 -5.33 6.45
C ILE C 546 -27.81 -6.83 6.57
N VAL C 547 -27.90 -7.50 5.42
CA VAL C 547 -27.95 -8.95 5.36
C VAL C 547 -26.86 -9.44 4.44
N THR C 548 -26.04 -10.34 5.00
CA THR C 548 -24.95 -10.97 4.26
C THR C 548 -25.15 -12.48 4.25
N ALA C 549 -24.52 -13.14 3.28
CA ALA C 549 -24.40 -14.59 3.25
C ALA C 549 -23.24 -15.15 2.41
N CYS C 550 -22.73 -16.29 2.90
CA CYS C 550 -21.59 -17.00 2.33
C CYS C 550 -22.03 -18.33 1.78
N GLN C 551 -21.13 -18.93 1.02
CA GLN C 551 -21.38 -20.23 0.41
C GLN C 551 -21.70 -21.33 1.41
N GLU C 552 -21.28 -21.23 2.67
CA GLU C 552 -21.64 -22.28 3.61
C GLU C 552 -23.00 -22.04 4.22
N GLY C 553 -23.77 -21.14 3.63
CA GLY C 553 -25.21 -21.04 3.88
C GLY C 553 -25.67 -20.43 5.19
N PHE C 554 -24.88 -19.50 5.71
CA PHE C 554 -25.31 -18.74 6.88
C PHE C 554 -25.73 -17.32 6.45
N ILE C 555 -26.98 -17.01 6.78
CA ILE C 555 -27.65 -15.78 6.41
C ILE C 555 -27.57 -14.92 7.64
N CYS C 556 -26.76 -13.88 7.53
CA CYS C 556 -26.41 -13.04 8.65
C CYS C 556 -27.12 -11.69 8.57
N THR C 557 -27.51 -11.21 9.74
CA THR C 557 -28.25 -9.98 9.96
C THR C 557 -27.51 -9.01 10.93
N TRP C 558 -27.01 -7.90 10.36
CA TRP C 558 -26.23 -6.90 11.11
C TRP C 558 -27.13 -5.74 11.51
N GLY C 559 -27.37 -5.55 12.80
CA GLY C 559 -28.22 -4.44 13.28
C GLY C 559 -27.62 -3.09 12.91
N ARG C 560 -28.41 -2.22 12.28
CA ARG C 560 -27.98 -0.82 12.02
C ARG C 560 -27.85 -0.09 13.34
N PRO C 561 -26.96 0.92 13.40
CA PRO C 561 -26.81 1.67 14.67
C PRO C 561 -28.12 2.31 15.03
N GLY C 562 -28.59 2.11 16.26
CA GLY C 562 -29.91 2.58 16.65
C GLY C 562 -31.12 1.68 16.28
N LYS C 563 -30.95 0.69 15.41
CA LYS C 563 -32.05 -0.19 15.05
C LYS C 563 -32.11 -1.49 15.82
N VAL C 564 -31.38 -1.63 16.91
CA VAL C 564 -31.34 -2.96 17.53
C VAL C 564 -32.52 -3.15 18.47
N VAL C 565 -32.88 -2.09 19.15
CA VAL C 565 -33.89 -2.16 20.18
C VAL C 565 -34.87 -1.02 19.96
N SER C 566 -36.15 -1.26 20.22
CA SER C 566 -37.18 -0.22 20.12
C SER C 566 -37.78 0.03 21.48
N PHE C 567 -38.18 1.27 21.70
CA PHE C 567 -39.10 1.61 22.78
C PHE C 567 -40.21 2.42 22.09
N ASN C 568 -41.27 2.80 22.80
CA ASN C 568 -42.35 3.56 22.17
C ASN C 568 -42.48 4.96 22.79
#